data_6C90
#
_entry.id   6C90
#
_cell.length_a   147.635
_cell.length_b   147.635
_cell.length_c   101.589
_cell.angle_alpha   90.00
_cell.angle_beta   90.00
_cell.angle_gamma   120.00
#
_symmetry.space_group_name_H-M   'P 61'
#
loop_
_entity.id
_entity.type
_entity.pdbx_description
1 polymer 'Exosome RNA helicase MTR4,Exosome RNA helicase MTR4'
2 polymer 'Zinc finger CCHC domain-containing protein 8'
3 non-polymer "ADENOSINE-5'-DIPHOSPHATE"
4 non-polymer 'MAGNESIUM ION'
5 non-polymer 'MALONATE ION'
6 non-polymer 'L(+)-TARTARIC ACID'
7 water water
#
loop_
_entity_poly.entity_id
_entity_poly.type
_entity_poly.pdbx_seq_one_letter_code
_entity_poly.pdbx_strand_id
1 'polypeptide(L)'
;SGDTDEPIFGKKPRIEESITEDLSLADLMPRVKVQSVETVEGCTHEVALPAEEDYLPLKPRVGKAAKEYPFILDAFQREA
IQCVDNNQSVLVSAHTSAGKTVCAEYAIALALREKQRVIFTSPIKALSNQKYREMYEEFQDVGLMTGDVTINPTASCLVM
TTEILRSMLYRGSEVMREVAWVIFDEIHYMRDSERGVVWEETIILLPDNVHYVFLSATIPNARQFAEWICHLHKQPCHVI
YTDYRPTPLQHYIFPAGGDGLHLVVDENGDFREDNFNTAMQVLRDAGDLAKGDQKGRKGGTKGPSNVFKIVKMIMERNFQ
PVIIFSFSKKDCEAYALQMTKLDFNTDEEKKMVEEVFSNAIDCLSDEDKKLPQVEHVLPLLKRGIGIHHGGLLPILKETI
EILFSEGLIKALFATETFAMGINMPARTVLFTNARKFDGKDFRWISSGEYIQMSGRAGRRGMDDRGIVILMVDEKMSPTI
GKQLLKGSADPLNSAFHLTYNMVLNLLRVEEINPEYMLEKSFYQFQHYRAIPGSRTVLQMDELKCRKRVLRRLGFATSSD
VIEMKGRVACEISSADELLLTEMMFNGLFNDLSAEQATALLSCFVFQENSSEMPKLTEQLAGPLRQMQECAKRIAKVSAE
AKLEIDEETYLSSFKPHLMDVVYTWATGATFAHICKMTDVFEGSIIRCMRRLEELLRQMCQAAKAIGNTELENKFAEGIT
KIKRDIVFAASLYL
;
A
2 'polypeptide(L)' SGDPIPDMSKFATGITPFEFENMAESTGMYLRIRSLLKNSPRNQQKNKKASE B
#
# COMPACT_ATOMS: atom_id res chain seq x y z
N LEU A 23 -8.03 -8.92 33.76
CA LEU A 23 -6.78 -8.21 34.01
C LEU A 23 -5.57 -9.13 33.86
N SER A 24 -4.74 -8.86 32.86
CA SER A 24 -3.50 -9.59 32.62
C SER A 24 -2.36 -8.58 32.61
N LEU A 25 -1.54 -8.59 33.65
CA LEU A 25 -0.46 -7.63 33.80
C LEU A 25 0.83 -8.17 33.21
N ALA A 26 1.57 -7.28 32.54
CA ALA A 26 2.82 -7.68 31.91
C ALA A 26 3.89 -7.96 32.94
N ASP A 27 4.62 -9.06 32.75
CA ASP A 27 5.68 -9.44 33.67
C ASP A 27 6.92 -8.57 33.47
N LEU A 28 7.30 -8.30 32.22
CA LEU A 28 8.47 -7.49 31.91
C LEU A 28 8.04 -6.32 31.03
N MET A 29 8.39 -5.11 31.45
CA MET A 29 8.00 -3.89 30.79
C MET A 29 9.14 -3.35 29.94
N PRO A 30 8.84 -2.45 28.99
CA PRO A 30 9.91 -1.87 28.18
C PRO A 30 10.90 -1.10 29.04
N ARG A 31 12.18 -1.27 28.72
CA ARG A 31 13.27 -0.52 29.37
C ARG A 31 14.05 0.20 28.27
N VAL A 32 13.56 1.36 27.87
CA VAL A 32 14.12 2.10 26.75
C VAL A 32 14.30 3.55 27.17
N LYS A 33 15.42 4.15 26.76
CA LYS A 33 15.69 5.56 26.94
C LYS A 33 16.06 6.16 25.58
N VAL A 34 15.91 7.47 25.47
CA VAL A 34 16.16 8.18 24.22
C VAL A 34 17.26 9.21 24.45
N GLN A 35 18.24 9.22 23.57
CA GLN A 35 19.38 10.12 23.65
C GLN A 35 19.33 11.11 22.50
N SER A 36 19.38 12.40 22.82
CA SER A 36 19.46 13.44 21.80
C SER A 36 20.89 13.53 21.28
N VAL A 37 21.01 13.74 19.97
CA VAL A 37 22.30 13.81 19.30
C VAL A 37 22.35 15.12 18.52
N GLU A 38 23.33 15.96 18.83
CA GLU A 38 23.43 17.26 18.19
C GLU A 38 23.92 17.12 16.76
N THR A 39 23.33 17.90 15.87
CA THR A 39 23.66 17.88 14.45
C THR A 39 23.68 19.30 13.93
N VAL A 40 24.32 19.48 12.77
CA VAL A 40 24.25 20.77 12.11
C VAL A 40 22.79 21.06 11.77
N GLU A 41 22.51 22.34 11.55
CA GLU A 41 21.13 22.77 11.33
C GLU A 41 20.51 22.00 10.17
N GLY A 42 19.21 21.74 10.27
CA GLY A 42 18.45 21.18 9.18
C GLY A 42 17.94 19.76 9.37
N CYS A 43 17.99 19.23 10.59
CA CYS A 43 17.47 17.90 10.87
C CYS A 43 17.66 17.61 12.35
N THR A 44 16.85 16.69 12.86
CA THR A 44 16.91 16.24 14.24
C THR A 44 17.37 14.79 14.28
N HIS A 45 18.23 14.48 15.25
CA HIS A 45 18.77 13.13 15.39
C HIS A 45 18.61 12.70 16.84
N GLU A 46 17.85 11.62 17.04
CA GLU A 46 17.72 10.97 18.33
C GLU A 46 17.97 9.48 18.14
N VAL A 47 18.19 8.78 19.24
CA VAL A 47 18.38 7.35 19.21
C VAL A 47 17.76 6.75 20.46
N ALA A 48 16.90 5.75 20.26
CA ALA A 48 16.38 4.94 21.35
C ALA A 48 17.32 3.77 21.56
N LEU A 49 17.64 3.48 22.82
CA LEU A 49 18.55 2.40 23.12
C LEU A 49 18.11 1.71 24.41
N PRO A 50 18.57 0.49 24.65
CA PRO A 50 18.22 -0.20 25.90
C PRO A 50 18.68 0.61 27.09
N ALA A 51 17.80 0.73 28.09
CA ALA A 51 18.07 1.61 29.21
C ALA A 51 19.30 1.17 30.00
N GLU A 52 19.58 -0.13 30.04
CA GLU A 52 20.71 -0.63 30.81
C GLU A 52 22.05 -0.40 30.11
N GLU A 53 22.04 -0.09 28.82
CA GLU A 53 23.28 0.10 28.07
C GLU A 53 23.70 1.56 28.10
N ASP A 54 25.00 1.78 27.84
CA ASP A 54 25.55 3.12 27.71
C ASP A 54 25.39 3.61 26.28
N TYR A 55 25.05 4.88 26.13
CA TYR A 55 24.99 5.48 24.82
C TYR A 55 26.39 5.59 24.23
N LEU A 56 26.58 5.03 23.04
CA LEU A 56 27.85 5.14 22.32
C LEU A 56 27.62 5.91 21.02
N PRO A 57 28.19 7.09 20.86
CA PRO A 57 28.00 7.84 19.62
C PRO A 57 28.44 7.02 18.40
N LEU A 58 27.87 7.38 17.25
CA LEU A 58 28.28 6.76 16.01
C LEU A 58 29.70 7.20 15.66
N LYS A 59 30.41 6.35 14.93
CA LYS A 59 31.78 6.62 14.54
C LYS A 59 31.88 6.87 13.05
N PRO A 60 32.93 7.58 12.61
CA PRO A 60 33.08 7.82 11.17
C PRO A 60 33.12 6.53 10.38
N ARG A 61 32.68 6.61 9.13
CA ARG A 61 32.74 5.49 8.22
C ARG A 61 34.16 4.95 8.15
N VAL A 62 34.30 3.63 8.26
CA VAL A 62 35.54 2.93 7.98
C VAL A 62 35.46 2.42 6.55
N GLY A 63 36.36 2.89 5.70
CA GLY A 63 36.41 2.46 4.32
C GLY A 63 35.72 3.44 3.39
N LYS A 64 35.57 2.99 2.14
CA LYS A 64 34.93 3.80 1.13
C LYS A 64 33.41 3.78 1.30
N ALA A 65 32.78 4.82 0.77
CA ALA A 65 31.32 4.87 0.76
C ALA A 65 30.75 3.72 -0.06
N ALA A 66 29.73 3.06 0.47
CA ALA A 66 29.09 1.98 -0.26
C ALA A 66 28.52 2.48 -1.58
N LYS A 67 28.12 3.76 -1.64
CA LYS A 67 27.53 4.33 -2.84
C LYS A 67 27.83 5.81 -2.86
N GLU A 68 28.05 6.35 -4.05
CA GLU A 68 28.27 7.77 -4.26
C GLU A 68 27.18 8.33 -5.14
N TYR A 69 26.90 9.63 -4.97
CA TYR A 69 25.80 10.28 -5.64
C TYR A 69 26.30 11.47 -6.45
N PRO A 70 25.64 11.80 -7.57
CA PRO A 70 26.10 12.92 -8.40
C PRO A 70 25.58 14.26 -7.93
N PHE A 71 25.14 14.33 -6.68
CA PHE A 71 24.64 15.56 -6.10
C PHE A 71 25.10 15.64 -4.65
N ILE A 72 24.95 16.82 -4.06
CA ILE A 72 25.35 17.04 -2.67
C ILE A 72 24.25 16.53 -1.76
N LEU A 73 24.57 15.53 -0.95
CA LEU A 73 23.63 15.02 0.03
C LEU A 73 23.25 16.11 1.03
N ASP A 74 22.00 16.06 1.49
CA ASP A 74 21.55 16.95 2.54
C ASP A 74 21.94 16.41 3.90
N ALA A 75 21.76 17.25 4.93
CA ALA A 75 22.21 16.90 6.27
C ALA A 75 21.51 15.63 6.78
N PHE A 76 20.20 15.55 6.61
CA PHE A 76 19.47 14.42 7.16
C PHE A 76 19.84 13.13 6.45
N GLN A 77 20.19 13.21 5.16
CA GLN A 77 20.64 12.02 4.44
C GLN A 77 21.99 11.54 4.96
N ARG A 78 22.93 12.47 5.16
N ARG A 78 22.94 12.47 5.14
CA ARG A 78 24.24 12.08 5.69
CA ARG A 78 24.24 12.12 5.71
C ARG A 78 24.10 11.43 7.06
C ARG A 78 24.08 11.43 7.05
N GLU A 79 23.20 11.96 7.91
CA GLU A 79 23.02 11.40 9.23
C GLU A 79 22.46 9.98 9.14
N ALA A 80 21.38 9.80 8.37
CA ALA A 80 20.81 8.47 8.19
C ALA A 80 21.85 7.51 7.64
N ILE A 81 22.65 7.95 6.66
CA ILE A 81 23.65 7.08 6.05
C ILE A 81 24.69 6.65 7.08
N GLN A 82 25.04 7.54 8.02
CA GLN A 82 26.02 7.17 9.03
C GLN A 82 25.49 6.07 9.93
N CYS A 83 24.20 6.08 10.22
CA CYS A 83 23.60 4.98 10.97
C CYS A 83 23.82 3.64 10.25
N VAL A 84 23.59 3.63 8.93
CA VAL A 84 23.78 2.41 8.17
C VAL A 84 25.25 1.99 8.18
N ASP A 85 26.16 2.96 8.01
CA ASP A 85 27.59 2.65 8.05
C ASP A 85 28.00 2.01 9.37
N ASN A 86 27.31 2.36 10.45
CA ASN A 86 27.57 1.77 11.76
C ASN A 86 26.70 0.56 12.05
N ASN A 87 25.95 0.08 11.05
CA ASN A 87 25.11 -1.13 11.18
C ASN A 87 24.11 -0.99 12.33
N GLN A 88 23.40 0.14 12.35
CA GLN A 88 22.36 0.39 13.33
C GLN A 88 21.10 0.85 12.62
N SER A 89 19.95 0.43 13.15
CA SER A 89 18.68 0.71 12.51
C SER A 89 18.33 2.18 12.61
N VAL A 90 17.53 2.65 11.66
CA VAL A 90 17.22 4.08 11.57
C VAL A 90 15.85 4.26 10.95
N LEU A 91 15.03 5.09 11.59
CA LEU A 91 13.80 5.61 11.01
C LEU A 91 14.09 6.99 10.45
N VAL A 92 13.79 7.18 9.16
CA VAL A 92 13.91 8.48 8.50
C VAL A 92 12.52 9.02 8.25
N SER A 93 12.20 10.13 8.89
CA SER A 93 10.88 10.76 8.79
C SER A 93 11.08 12.11 8.11
N ALA A 94 10.64 12.21 6.86
CA ALA A 94 10.82 13.43 6.08
C ALA A 94 9.75 13.48 5.00
N HIS A 95 9.56 14.68 4.45
CA HIS A 95 8.60 14.86 3.38
C HIS A 95 9.00 14.03 2.17
N THR A 96 7.97 13.54 1.46
CA THR A 96 8.18 12.97 0.13
C THR A 96 8.63 14.10 -0.80
N SER A 97 9.87 13.99 -1.29
CA SER A 97 10.53 15.00 -2.11
C SER A 97 11.87 15.37 -1.48
N ALA A 98 11.99 15.16 -0.16
CA ALA A 98 13.24 15.46 0.51
C ALA A 98 14.35 14.48 0.15
N GLY A 99 13.99 13.28 -0.32
CA GLY A 99 14.97 12.33 -0.80
C GLY A 99 15.28 11.18 0.13
N LYS A 100 14.24 10.59 0.73
CA LYS A 100 14.44 9.45 1.63
C LYS A 100 15.02 8.25 0.89
N THR A 101 14.68 8.08 -0.39
CA THR A 101 15.11 6.88 -1.12
C THR A 101 16.63 6.81 -1.20
N VAL A 102 17.30 7.96 -1.18
CA VAL A 102 18.76 7.97 -1.14
C VAL A 102 19.26 7.09 -0.01
N CYS A 103 18.62 7.16 1.15
CA CYS A 103 19.05 6.37 2.30
C CYS A 103 18.86 4.88 2.07
N ALA A 104 17.74 4.50 1.44
CA ALA A 104 17.53 3.09 1.12
C ALA A 104 18.56 2.61 0.11
N GLU A 105 18.87 3.43 -0.89
CA GLU A 105 19.87 3.04 -1.90
C GLU A 105 21.21 2.75 -1.25
N TYR A 106 21.59 3.52 -0.23
CA TYR A 106 22.88 3.27 0.41
C TYR A 106 22.88 1.95 1.15
N ALA A 107 21.77 1.61 1.81
CA ALA A 107 21.68 0.33 2.50
C ALA A 107 21.78 -0.83 1.51
N ILE A 108 21.09 -0.72 0.37
CA ILE A 108 21.17 -1.77 -0.65
C ILE A 108 22.61 -1.90 -1.15
N ALA A 109 23.22 -0.78 -1.52
CA ALA A 109 24.60 -0.80 -1.99
C ALA A 109 25.53 -1.45 -0.98
N LEU A 110 25.42 -1.05 0.29
CA LEU A 110 26.26 -1.64 1.33
C LEU A 110 25.99 -3.13 1.49
N ALA A 111 24.72 -3.53 1.42
CA ALA A 111 24.39 -4.95 1.57
C ALA A 111 24.99 -5.77 0.44
N LEU A 112 24.93 -5.26 -0.80
CA LEU A 112 25.49 -6.01 -1.92
C LEU A 112 27.01 -6.05 -1.85
N ARG A 113 27.64 -4.94 -1.43
CA ARG A 113 29.09 -4.92 -1.31
C ARG A 113 29.57 -5.98 -0.31
N GLU A 114 28.83 -6.16 0.79
CA GLU A 114 29.17 -7.13 1.81
C GLU A 114 28.71 -8.55 1.46
N LYS A 115 28.20 -8.76 0.25
CA LYS A 115 27.73 -10.08 -0.17
C LYS A 115 26.60 -10.57 0.73
N GLN A 116 25.74 -9.64 1.14
CA GLN A 116 24.55 -9.93 1.93
C GLN A 116 23.30 -9.77 1.06
N ARG A 117 22.17 -10.13 1.63
CA ARG A 117 20.87 -9.93 1.00
C ARG A 117 20.10 -8.84 1.74
N VAL A 118 19.30 -8.11 0.98
CA VAL A 118 18.53 -6.99 1.52
C VAL A 118 17.12 -7.04 0.91
N ILE A 119 16.13 -6.67 1.72
CA ILE A 119 14.74 -6.69 1.30
C ILE A 119 14.18 -5.27 1.37
N PHE A 120 13.46 -4.88 0.32
CA PHE A 120 12.79 -3.58 0.23
C PHE A 120 11.31 -3.86 0.08
N THR A 121 10.52 -3.51 1.10
N THR A 121 10.51 -3.53 1.09
CA THR A 121 9.10 -3.79 1.15
CA THR A 121 9.09 -3.85 1.09
C THR A 121 8.29 -2.53 0.93
C THR A 121 8.25 -2.59 0.99
N SER A 122 7.22 -2.65 0.15
CA SER A 122 6.24 -1.59 -0.04
C SER A 122 4.87 -2.09 0.39
N PRO A 123 3.96 -1.18 0.72
CA PRO A 123 2.63 -1.62 1.17
C PRO A 123 1.75 -2.15 0.05
N ILE A 124 2.00 -1.75 -1.20
CA ILE A 124 1.10 -1.99 -2.31
C ILE A 124 1.87 -2.71 -3.43
N LYS A 125 1.16 -3.57 -4.17
CA LYS A 125 1.78 -4.25 -5.30
C LYS A 125 2.18 -3.27 -6.39
N ALA A 126 1.27 -2.35 -6.74
CA ALA A 126 1.57 -1.36 -7.77
C ALA A 126 2.85 -0.60 -7.45
N LEU A 127 3.05 -0.24 -6.18
CA LEU A 127 4.24 0.50 -5.80
C LEU A 127 5.48 -0.39 -5.85
N SER A 128 5.35 -1.66 -5.46
CA SER A 128 6.47 -2.59 -5.57
C SER A 128 6.96 -2.71 -7.00
N ASN A 129 6.03 -2.74 -7.97
CA ASN A 129 6.41 -2.79 -9.37
C ASN A 129 7.24 -1.56 -9.76
N GLN A 130 6.77 -0.38 -9.37
CA GLN A 130 7.53 0.84 -9.65
C GLN A 130 8.89 0.81 -8.98
N LYS A 131 8.94 0.39 -7.71
CA LYS A 131 10.22 0.38 -7.00
C LYS A 131 11.17 -0.67 -7.55
N TYR A 132 10.64 -1.80 -8.05
CA TYR A 132 11.51 -2.78 -8.69
C TYR A 132 12.23 -2.17 -9.89
N ARG A 133 11.49 -1.46 -10.74
CA ARG A 133 12.10 -0.81 -11.88
C ARG A 133 13.17 0.18 -11.42
N GLU A 134 12.81 1.04 -10.47
CA GLU A 134 13.78 2.04 -9.98
C GLU A 134 15.04 1.37 -9.49
N MET A 135 14.92 0.34 -8.64
CA MET A 135 16.10 -0.28 -8.04
C MET A 135 16.84 -1.14 -9.05
N TYR A 136 16.12 -1.83 -9.94
CA TYR A 136 16.79 -2.64 -10.95
C TYR A 136 17.64 -1.77 -11.88
N GLU A 137 17.11 -0.62 -12.28
CA GLU A 137 17.87 0.30 -13.12
C GLU A 137 19.12 0.81 -12.42
N GLU A 138 19.15 0.75 -11.08
CA GLU A 138 20.26 1.26 -10.29
C GLU A 138 21.24 0.18 -9.88
N PHE A 139 20.75 -1.01 -9.52
CA PHE A 139 21.59 -2.07 -8.99
C PHE A 139 21.61 -3.33 -9.84
N GLN A 140 20.67 -3.49 -10.78
CA GLN A 140 20.62 -4.67 -11.65
C GLN A 140 20.34 -5.96 -10.88
N ASP A 141 21.18 -6.28 -9.89
CA ASP A 141 21.00 -7.48 -9.08
C ASP A 141 19.77 -7.38 -8.20
N VAL A 142 18.60 -7.20 -8.81
CA VAL A 142 17.35 -6.95 -8.10
C VAL A 142 16.31 -7.96 -8.55
N GLY A 143 15.45 -8.38 -7.61
CA GLY A 143 14.33 -9.24 -7.92
C GLY A 143 13.04 -8.65 -7.39
N LEU A 144 11.93 -9.31 -7.75
CA LEU A 144 10.60 -8.85 -7.37
C LEU A 144 9.75 -10.04 -6.95
N MET A 145 8.94 -9.84 -5.90
CA MET A 145 8.10 -10.91 -5.38
C MET A 145 6.82 -10.27 -4.84
N THR A 146 5.74 -10.40 -5.60
CA THR A 146 4.41 -9.96 -5.17
C THR A 146 3.46 -11.14 -5.25
N GLY A 147 2.19 -10.86 -4.97
CA GLY A 147 1.13 -11.82 -5.20
C GLY A 147 0.71 -11.95 -6.65
N ASP A 148 1.47 -11.35 -7.58
CA ASP A 148 1.15 -11.39 -8.99
C ASP A 148 2.32 -11.73 -9.89
N VAL A 149 3.54 -11.83 -9.36
CA VAL A 149 4.71 -12.12 -10.18
C VAL A 149 5.92 -12.40 -9.30
N THR A 150 6.85 -13.19 -9.83
CA THR A 150 8.13 -13.45 -9.19
C THR A 150 9.23 -13.36 -10.24
N ILE A 151 10.24 -12.53 -9.97
CA ILE A 151 11.33 -12.29 -10.91
C ILE A 151 12.65 -12.38 -10.15
N ASN A 152 13.60 -13.12 -10.72
CA ASN A 152 14.95 -13.22 -10.20
C ASN A 152 14.95 -13.45 -8.69
N PRO A 153 14.25 -14.48 -8.21
CA PRO A 153 14.10 -14.66 -6.75
C PRO A 153 15.40 -14.90 -6.01
N THR A 154 16.50 -15.15 -6.72
CA THR A 154 17.81 -15.30 -6.10
C THR A 154 18.59 -13.99 -6.07
N ALA A 155 17.97 -12.88 -6.48
CA ALA A 155 18.65 -11.59 -6.47
C ALA A 155 19.12 -11.26 -5.06
N SER A 156 20.19 -10.45 -4.99
CA SER A 156 20.67 -10.00 -3.68
C SER A 156 19.70 -9.02 -3.05
N CYS A 157 19.08 -8.16 -3.86
CA CYS A 157 18.07 -7.21 -3.40
C CYS A 157 16.70 -7.68 -3.89
N LEU A 158 15.81 -7.96 -2.94
CA LEU A 158 14.46 -8.44 -3.24
C LEU A 158 13.44 -7.36 -2.87
N VAL A 159 12.76 -6.83 -3.88
CA VAL A 159 11.60 -5.97 -3.67
C VAL A 159 10.38 -6.88 -3.54
N MET A 160 9.56 -6.63 -2.52
CA MET A 160 8.40 -7.49 -2.29
C MET A 160 7.35 -6.72 -1.51
N THR A 161 6.14 -7.27 -1.47
CA THR A 161 5.09 -6.72 -0.64
C THR A 161 5.21 -7.25 0.78
N THR A 162 4.58 -6.55 1.72
N THR A 162 4.58 -6.52 1.71
CA THR A 162 4.67 -6.97 3.12
CA THR A 162 4.60 -6.92 3.12
C THR A 162 3.95 -8.29 3.36
C THR A 162 3.99 -8.31 3.31
N GLU A 163 2.96 -8.63 2.52
CA GLU A 163 2.30 -9.93 2.67
C GLU A 163 3.24 -11.07 2.32
N ILE A 164 4.03 -10.91 1.26
CA ILE A 164 5.02 -11.93 0.89
C ILE A 164 6.02 -12.12 2.02
N LEU A 165 6.54 -11.01 2.56
CA LEU A 165 7.51 -11.11 3.65
C LEU A 165 6.91 -11.84 4.84
N ARG A 166 5.66 -11.54 5.18
CA ARG A 166 5.00 -12.26 6.27
C ARG A 166 4.92 -13.75 5.98
N SER A 167 4.60 -14.12 4.74
CA SER A 167 4.50 -15.53 4.40
C SER A 167 5.86 -16.22 4.56
N MET A 168 6.92 -15.58 4.08
CA MET A 168 8.25 -16.17 4.22
C MET A 168 8.63 -16.36 5.67
N LEU A 169 8.24 -15.43 6.54
CA LEU A 169 8.64 -15.52 7.94
C LEU A 169 7.87 -16.63 8.65
N TYR A 170 6.55 -16.67 8.48
CA TYR A 170 5.75 -17.71 9.13
C TYR A 170 6.09 -19.10 8.62
N ARG A 171 6.62 -19.22 7.40
CA ARG A 171 7.00 -20.50 6.83
C ARG A 171 8.49 -20.79 6.96
N GLY A 172 9.24 -19.93 7.65
CA GLY A 172 10.66 -20.16 7.86
C GLY A 172 11.45 -20.32 6.59
N SER A 173 11.12 -19.55 5.56
CA SER A 173 11.84 -19.65 4.29
C SER A 173 13.31 -19.30 4.47
N GLU A 174 14.19 -20.15 3.94
CA GLU A 174 15.62 -19.94 4.03
C GLU A 174 16.10 -18.69 3.31
N VAL A 175 15.27 -18.09 2.45
CA VAL A 175 15.63 -16.83 1.82
C VAL A 175 15.97 -15.77 2.86
N MET A 176 15.41 -15.90 4.06
N MET A 176 15.41 -15.90 4.06
CA MET A 176 15.62 -14.91 5.12
CA MET A 176 15.62 -14.91 5.11
C MET A 176 16.94 -15.08 5.86
C MET A 176 16.95 -15.08 5.84
N ARG A 177 17.63 -16.20 5.69
CA ARG A 177 18.83 -16.46 6.48
C ARG A 177 19.97 -15.51 6.14
N GLU A 178 20.07 -15.08 4.89
CA GLU A 178 21.15 -14.18 4.46
C GLU A 178 20.73 -12.72 4.45
N VAL A 179 19.55 -12.39 4.98
CA VAL A 179 19.06 -11.02 4.96
C VAL A 179 19.72 -10.25 6.09
N ALA A 180 20.44 -9.19 5.74
CA ALA A 180 21.06 -8.31 6.71
C ALA A 180 20.26 -7.06 6.97
N TRP A 181 19.56 -6.55 5.96
CA TRP A 181 18.81 -5.30 6.04
C TRP A 181 17.41 -5.49 5.47
N VAL A 182 16.43 -4.91 6.15
CA VAL A 182 15.06 -4.81 5.64
C VAL A 182 14.70 -3.34 5.60
N ILE A 183 14.20 -2.89 4.46
CA ILE A 183 13.79 -1.50 4.25
C ILE A 183 12.27 -1.48 4.12
N PHE A 184 11.61 -0.81 5.05
CA PHE A 184 10.18 -0.59 5.00
C PHE A 184 9.91 0.80 4.43
N ASP A 185 9.29 0.85 3.26
CA ASP A 185 8.98 2.10 2.58
C ASP A 185 7.57 2.57 2.92
N GLU A 186 7.43 3.87 3.15
CA GLU A 186 6.12 4.51 3.33
C GLU A 186 5.35 3.89 4.50
N ILE A 187 6.04 3.70 5.63
CA ILE A 187 5.42 3.01 6.75
C ILE A 187 4.20 3.75 7.28
N HIS A 188 4.11 5.06 7.05
CA HIS A 188 2.94 5.82 7.48
C HIS A 188 1.68 5.41 6.73
N TYR A 189 1.82 4.73 5.60
CA TYR A 189 0.70 4.33 4.76
C TYR A 189 0.28 2.89 5.00
N MET A 190 0.94 2.16 5.90
CA MET A 190 0.62 0.76 6.11
C MET A 190 -0.82 0.59 6.59
N ARG A 191 -1.29 1.51 7.44
CA ARG A 191 -2.66 1.40 7.96
C ARG A 191 -3.68 1.53 6.83
N ASP A 192 -3.58 2.59 6.02
CA ASP A 192 -4.53 2.80 4.94
C ASP A 192 -4.43 1.73 3.85
N SER A 193 -3.29 1.06 3.73
CA SER A 193 -3.09 0.08 2.67
C SER A 193 -3.71 -1.28 2.98
N GLU A 194 -4.25 -1.47 4.19
CA GLU A 194 -4.82 -2.72 4.69
C GLU A 194 -3.75 -3.67 5.24
N ARG A 195 -2.47 -3.33 5.12
CA ARG A 195 -1.38 -4.19 5.59
C ARG A 195 -0.93 -3.83 7.00
N GLY A 196 -1.78 -3.17 7.78
CA GLY A 196 -1.36 -2.71 9.10
C GLY A 196 -0.93 -3.84 10.01
N VAL A 197 -1.69 -4.94 10.03
CA VAL A 197 -1.36 -6.07 10.88
C VAL A 197 -0.14 -6.81 10.31
N VAL A 198 -0.22 -7.17 9.04
CA VAL A 198 0.89 -7.87 8.38
C VAL A 198 2.21 -7.17 8.66
N TRP A 199 2.20 -5.85 8.60
CA TRP A 199 3.42 -5.05 8.77
C TRP A 199 4.05 -5.29 10.13
N GLU A 200 3.27 -5.17 11.20
CA GLU A 200 3.81 -5.39 12.53
C GLU A 200 4.23 -6.85 12.73
N GLU A 201 3.51 -7.79 12.12
CA GLU A 201 3.90 -9.19 12.22
C GLU A 201 5.30 -9.41 11.65
N THR A 202 5.62 -8.81 10.50
CA THR A 202 6.94 -9.01 9.92
C THR A 202 8.03 -8.41 10.80
N ILE A 203 7.78 -7.22 11.35
CA ILE A 203 8.77 -6.61 12.24
C ILE A 203 8.98 -7.48 13.48
N ILE A 204 7.89 -8.06 14.01
CA ILE A 204 8.00 -8.82 15.24
C ILE A 204 8.70 -10.16 15.00
N LEU A 205 8.56 -10.74 13.81
CA LEU A 205 9.09 -12.07 13.54
C LEU A 205 10.50 -12.06 12.97
N LEU A 206 11.00 -10.92 12.49
CA LEU A 206 12.36 -10.87 11.99
C LEU A 206 13.36 -11.10 13.13
N PRO A 207 14.48 -11.75 12.86
CA PRO A 207 15.47 -11.98 13.92
C PRO A 207 16.20 -10.71 14.31
N ASP A 208 16.74 -10.72 15.53
CA ASP A 208 17.35 -9.53 16.11
C ASP A 208 18.65 -9.13 15.41
N ASN A 209 19.26 -10.02 14.65
CA ASN A 209 20.49 -9.65 13.94
C ASN A 209 20.22 -8.82 12.69
N VAL A 210 18.97 -8.74 12.24
CA VAL A 210 18.61 -7.92 11.10
C VAL A 210 18.49 -6.46 11.54
N HIS A 211 18.85 -5.55 10.64
CA HIS A 211 18.74 -4.12 10.89
C HIS A 211 17.82 -3.50 9.85
N TYR A 212 17.29 -2.33 10.20
CA TYR A 212 16.15 -1.76 9.50
C TYR A 212 16.44 -0.34 9.02
N VAL A 213 15.87 -0.01 7.87
CA VAL A 213 15.67 1.37 7.44
C VAL A 213 14.17 1.54 7.28
N PHE A 214 13.56 2.33 8.16
CA PHE A 214 12.17 2.71 8.04
C PHE A 214 12.10 4.08 7.38
N LEU A 215 11.34 4.18 6.29
CA LEU A 215 11.12 5.44 5.59
C LEU A 215 9.69 5.87 5.80
N SER A 216 9.50 7.08 6.32
CA SER A 216 8.18 7.57 6.66
C SER A 216 8.04 9.02 6.25
N ALA A 217 6.80 9.43 5.98
CA ALA A 217 6.48 10.85 5.95
C ALA A 217 6.72 11.42 7.34
N THR A 218 6.65 12.75 7.42
CA THR A 218 6.80 13.39 8.73
C THR A 218 5.67 12.95 9.65
N ILE A 219 6.04 12.45 10.82
CA ILE A 219 5.06 12.00 11.80
C ILE A 219 5.43 12.55 13.16
N PRO A 220 4.46 12.94 14.00
CA PRO A 220 4.80 13.52 15.30
C PRO A 220 5.33 12.52 16.30
N ASN A 221 5.14 11.22 16.10
CA ASN A 221 5.53 10.22 17.09
C ASN A 221 6.62 9.30 16.56
N ALA A 222 7.57 9.86 15.81
CA ALA A 222 8.68 9.07 15.30
C ALA A 222 9.50 8.47 16.43
N ARG A 223 9.75 9.23 17.49
CA ARG A 223 10.49 8.72 18.64
C ARG A 223 9.81 7.48 19.22
N GLN A 224 8.48 7.53 19.36
CA GLN A 224 7.74 6.40 19.91
C GLN A 224 7.98 5.14 19.10
N PHE A 225 8.00 5.26 17.78
CA PHE A 225 8.20 4.08 16.93
C PHE A 225 9.59 3.50 17.13
N ALA A 226 10.61 4.36 17.17
CA ALA A 226 11.97 3.87 17.39
C ALA A 226 12.11 3.22 18.76
N GLU A 227 11.44 3.75 19.78
CA GLU A 227 11.46 3.11 21.09
C GLU A 227 10.89 1.70 21.00
N TRP A 228 9.82 1.52 20.23
CA TRP A 228 9.24 0.19 20.07
C TRP A 228 10.24 -0.77 19.42
N ILE A 229 10.87 -0.35 18.33
CA ILE A 229 11.86 -1.18 17.67
C ILE A 229 12.98 -1.54 18.65
N CYS A 230 13.41 -0.57 19.47
CA CYS A 230 14.44 -0.85 20.47
C CYS A 230 13.95 -1.87 21.48
N HIS A 231 12.72 -1.69 21.99
CA HIS A 231 12.12 -2.66 22.88
C HIS A 231 12.04 -4.04 22.23
N LEU A 232 11.71 -4.09 20.95
CA LEU A 232 11.52 -5.36 20.27
C LEU A 232 12.83 -6.11 20.10
N HIS A 233 13.83 -5.48 19.50
CA HIS A 233 15.03 -6.17 19.05
C HIS A 233 16.26 -5.86 19.89
N LYS A 234 16.10 -5.14 21.00
CA LYS A 234 17.16 -4.96 21.99
C LYS A 234 18.41 -4.35 21.38
N GLN A 235 18.22 -3.42 20.46
CA GLN A 235 19.31 -2.71 19.81
C GLN A 235 18.93 -1.25 19.68
N PRO A 236 19.89 -0.37 19.41
CA PRO A 236 19.53 1.03 19.18
C PRO A 236 18.76 1.20 17.89
N CYS A 237 17.82 2.12 17.89
CA CYS A 237 17.13 2.53 16.67
C CYS A 237 17.13 4.06 16.62
N HIS A 238 17.70 4.61 15.57
CA HIS A 238 17.85 6.05 15.43
C HIS A 238 16.60 6.65 14.80
N VAL A 239 16.45 7.96 14.99
CA VAL A 239 15.40 8.74 14.37
C VAL A 239 16.05 9.95 13.71
N ILE A 240 15.98 10.01 12.39
CA ILE A 240 16.37 11.19 11.63
C ILE A 240 15.09 11.84 11.12
N TYR A 241 14.83 13.06 11.61
CA TYR A 241 13.60 13.78 11.28
C TYR A 241 13.95 15.16 10.73
N THR A 242 13.19 15.59 9.72
CA THR A 242 13.36 16.93 9.18
C THR A 242 12.08 17.37 8.49
N ASP A 243 11.73 18.63 8.65
CA ASP A 243 10.66 19.27 7.90
C ASP A 243 11.16 19.89 6.61
N TYR A 244 12.43 19.72 6.28
CA TYR A 244 13.01 20.35 5.10
C TYR A 244 12.19 20.04 3.86
N ARG A 245 11.95 21.07 3.05
CA ARG A 245 11.28 20.93 1.77
C ARG A 245 12.15 21.60 0.71
N PRO A 246 12.72 20.85 -0.24
CA PRO A 246 13.62 21.49 -1.22
C PRO A 246 12.95 22.54 -2.07
N THR A 247 11.65 22.41 -2.31
CA THR A 247 10.89 23.39 -3.09
C THR A 247 9.79 23.96 -2.19
N PRO A 248 9.88 25.21 -1.77
CA PRO A 248 8.84 25.74 -0.88
C PRO A 248 7.50 25.82 -1.58
N LEU A 249 6.44 25.76 -0.78
CA LEU A 249 5.07 25.76 -1.29
C LEU A 249 4.38 27.07 -0.96
N GLN A 250 3.47 27.48 -1.85
CA GLN A 250 2.53 28.56 -1.59
C GLN A 250 1.12 27.98 -1.68
N HIS A 251 0.30 28.27 -0.69
CA HIS A 251 -1.04 27.69 -0.57
C HIS A 251 -2.07 28.76 -0.84
N TYR A 252 -3.00 28.46 -1.75
CA TYR A 252 -4.06 29.38 -2.13
C TYR A 252 -5.43 28.74 -1.90
N ILE A 253 -6.42 29.58 -1.64
CA ILE A 253 -7.82 29.17 -1.60
C ILE A 253 -8.52 29.82 -2.78
N PHE A 254 -9.31 29.04 -3.51
CA PHE A 254 -10.11 29.52 -4.62
C PHE A 254 -11.58 29.43 -4.22
N PRO A 255 -12.15 30.46 -3.59
CA PRO A 255 -13.53 30.36 -3.14
C PRO A 255 -14.49 30.21 -4.31
N ALA A 256 -15.60 29.52 -4.06
CA ALA A 256 -16.61 29.32 -5.10
C ALA A 256 -17.16 30.68 -5.55
N GLY A 257 -17.32 30.83 -6.86
CA GLY A 257 -17.79 32.07 -7.45
C GLY A 257 -16.74 33.14 -7.60
N GLY A 258 -15.66 33.08 -6.83
CA GLY A 258 -14.60 34.08 -6.96
C GLY A 258 -13.93 34.02 -8.32
N ASP A 259 -13.09 35.04 -8.56
CA ASP A 259 -12.37 35.17 -9.81
C ASP A 259 -10.88 34.88 -9.69
N GLY A 260 -10.29 35.08 -8.51
CA GLY A 260 -8.86 34.94 -8.34
C GLY A 260 -8.52 34.02 -7.17
N LEU A 261 -7.23 33.91 -6.91
CA LEU A 261 -6.69 33.06 -5.86
C LEU A 261 -6.19 33.94 -4.71
N HIS A 262 -6.35 33.44 -3.49
CA HIS A 262 -6.01 34.18 -2.28
C HIS A 262 -4.91 33.43 -1.54
N LEU A 263 -3.73 34.06 -1.44
CA LEU A 263 -2.61 33.44 -0.74
C LEU A 263 -2.91 33.37 0.75
N VAL A 264 -2.93 32.14 1.29
CA VAL A 264 -3.26 31.92 2.69
C VAL A 264 -2.10 31.32 3.47
N VAL A 265 -1.08 30.78 2.79
CA VAL A 265 0.16 30.37 3.46
C VAL A 265 1.31 30.66 2.51
N ASP A 266 2.25 31.50 2.93
CA ASP A 266 3.33 31.94 2.07
C ASP A 266 4.49 30.96 2.13
N GLU A 267 5.56 31.29 1.39
CA GLU A 267 6.70 30.38 1.26
C GLU A 267 7.28 30.02 2.62
N ASN A 268 7.22 30.93 3.59
CA ASN A 268 7.83 30.73 4.89
C ASN A 268 6.91 30.03 5.89
N GLY A 269 5.70 29.65 5.47
CA GLY A 269 4.80 28.94 6.34
C GLY A 269 3.97 29.82 7.24
N ASP A 270 3.90 31.12 6.96
CA ASP A 270 3.12 32.05 7.78
C ASP A 270 1.70 32.13 7.25
N PHE A 271 0.74 31.82 8.12
CA PHE A 271 -0.67 31.90 7.75
C PHE A 271 -1.08 33.36 7.55
N ARG A 272 -1.83 33.61 6.48
CA ARG A 272 -2.30 34.96 6.14
C ARG A 272 -3.77 35.06 6.54
N GLU A 273 -4.02 35.44 7.79
CA GLU A 273 -5.39 35.51 8.28
C GLU A 273 -6.20 36.58 7.56
N ASP A 274 -5.53 37.59 7.01
CA ASP A 274 -6.25 38.62 6.27
C ASP A 274 -6.78 38.08 4.95
N ASN A 275 -5.90 37.52 4.12
CA ASN A 275 -6.34 36.97 2.84
C ASN A 275 -7.32 35.83 3.03
N PHE A 276 -7.21 35.08 4.12
CA PHE A 276 -8.14 33.99 4.38
C PHE A 276 -9.56 34.52 4.51
N ASN A 277 -9.78 35.48 5.40
CA ASN A 277 -11.10 36.06 5.56
C ASN A 277 -11.56 36.74 4.27
N THR A 278 -10.64 37.40 3.57
CA THR A 278 -10.97 37.96 2.26
C THR A 278 -11.46 36.87 1.31
N ALA A 279 -10.94 35.65 1.44
CA ALA A 279 -11.43 34.55 0.62
C ALA A 279 -12.81 34.11 1.06
N MET A 280 -13.03 34.01 2.37
CA MET A 280 -14.36 33.67 2.87
C MET A 280 -15.36 34.77 2.53
N GLN A 281 -14.91 36.02 2.45
CA GLN A 281 -15.79 37.11 2.04
C GLN A 281 -16.48 36.79 0.73
N VAL A 282 -15.73 36.26 -0.25
CA VAL A 282 -16.31 35.94 -1.55
C VAL A 282 -17.45 34.94 -1.41
N LEU A 283 -17.47 34.16 -0.33
CA LEU A 283 -18.59 33.27 -0.05
C LEU A 283 -19.68 33.98 0.76
N ARG A 284 -19.30 34.56 1.89
CA ARG A 284 -20.24 35.28 2.73
C ARG A 284 -20.65 36.60 2.09
N GLY A 303 -18.29 20.95 -8.14
CA GLY A 303 -18.52 22.16 -8.89
C GLY A 303 -17.90 22.12 -10.27
N PRO A 304 -18.55 21.41 -11.19
CA PRO A 304 -18.00 21.25 -12.55
C PRO A 304 -17.45 22.54 -13.17
N SER A 305 -18.30 23.53 -13.38
CA SER A 305 -17.86 24.74 -14.08
C SER A 305 -16.72 25.43 -13.34
N ASN A 306 -16.78 25.43 -12.01
CA ASN A 306 -15.69 26.02 -11.23
C ASN A 306 -14.38 25.30 -11.49
N VAL A 307 -14.42 23.98 -11.68
CA VAL A 307 -13.21 23.21 -11.91
C VAL A 307 -12.58 23.59 -13.25
N PHE A 308 -13.39 23.75 -14.30
CA PHE A 308 -12.87 24.16 -15.59
C PHE A 308 -12.23 25.54 -15.51
N LYS A 309 -12.91 26.48 -14.85
CA LYS A 309 -12.38 27.83 -14.72
C LYS A 309 -11.00 27.80 -14.06
N ILE A 310 -10.88 27.14 -12.91
CA ILE A 310 -9.62 27.15 -12.18
C ILE A 310 -8.53 26.45 -12.98
N VAL A 311 -8.87 25.31 -13.59
CA VAL A 311 -7.87 24.59 -14.39
C VAL A 311 -7.37 25.48 -15.52
N LYS A 312 -8.29 26.10 -16.25
CA LYS A 312 -7.88 27.00 -17.35
C LYS A 312 -6.98 28.11 -16.85
N MET A 313 -7.32 28.72 -15.70
CA MET A 313 -6.45 29.72 -15.11
C MET A 313 -5.06 29.17 -14.86
N ILE A 314 -4.98 27.94 -14.34
CA ILE A 314 -3.69 27.31 -14.07
C ILE A 314 -2.87 27.21 -15.35
N MET A 315 -3.51 26.91 -16.47
N MET A 315 -3.51 26.85 -16.46
CA MET A 315 -2.76 26.69 -17.70
CA MET A 315 -2.85 26.68 -17.74
C MET A 315 -2.32 28.01 -18.31
C MET A 315 -2.31 28.01 -18.25
N GLU A 316 -3.16 29.05 -18.25
CA GLU A 316 -2.77 30.35 -18.77
C GLU A 316 -1.61 30.95 -17.99
N ARG A 317 -1.52 30.66 -16.69
CA ARG A 317 -0.47 31.19 -15.85
C ARG A 317 0.76 30.31 -15.80
N ASN A 318 0.85 29.30 -16.68
CA ASN A 318 1.98 28.39 -16.73
C ASN A 318 2.24 27.76 -15.35
N PHE A 319 1.15 27.45 -14.65
CA PHE A 319 1.24 26.72 -13.39
C PHE A 319 1.22 25.21 -13.60
N GLN A 320 1.09 24.73 -14.83
CA GLN A 320 1.11 23.31 -15.09
C GLN A 320 2.54 22.80 -15.16
N PRO A 321 2.76 21.48 -15.01
CA PRO A 321 1.75 20.41 -14.83
C PRO A 321 0.99 20.53 -13.51
N VAL A 322 -0.26 20.07 -13.51
CA VAL A 322 -1.12 20.14 -12.34
C VAL A 322 -1.70 18.76 -12.08
N ILE A 323 -1.79 18.39 -10.80
CA ILE A 323 -2.53 17.22 -10.35
C ILE A 323 -3.80 17.71 -9.67
N ILE A 324 -4.94 17.28 -10.18
CA ILE A 324 -6.24 17.66 -9.64
C ILE A 324 -6.74 16.49 -8.81
N PHE A 325 -6.68 16.62 -7.49
CA PHE A 325 -7.12 15.56 -6.58
C PHE A 325 -8.61 15.66 -6.34
N SER A 326 -9.33 14.58 -6.62
CA SER A 326 -10.73 14.44 -6.27
C SER A 326 -10.90 13.10 -5.56
N PHE A 327 -11.76 13.09 -4.53
CA PHE A 327 -11.97 11.90 -3.72
C PHE A 327 -13.03 10.98 -4.29
N SER A 328 -13.16 10.91 -5.61
CA SER A 328 -14.18 10.08 -6.24
C SER A 328 -13.76 9.79 -7.68
N LYS A 329 -13.78 8.51 -8.05
CA LYS A 329 -13.47 8.13 -9.43
C LYS A 329 -14.34 8.90 -10.42
N LYS A 330 -15.65 9.01 -10.12
CA LYS A 330 -16.56 9.64 -11.05
C LYS A 330 -16.21 11.12 -11.27
N ASP A 331 -15.91 11.83 -10.18
CA ASP A 331 -15.49 13.21 -10.32
C ASP A 331 -14.26 13.34 -11.22
N CYS A 332 -13.29 12.42 -11.08
CA CYS A 332 -12.11 12.46 -11.92
C CYS A 332 -12.49 12.37 -13.39
N GLU A 333 -13.37 11.43 -13.75
CA GLU A 333 -13.74 11.25 -15.15
C GLU A 333 -14.58 12.41 -15.66
N ALA A 334 -15.49 12.92 -14.83
CA ALA A 334 -16.31 14.06 -15.25
C ALA A 334 -15.45 15.29 -15.50
N TYR A 335 -14.66 15.68 -14.50
CA TYR A 335 -13.82 16.87 -14.65
C TYR A 335 -12.89 16.74 -15.84
N ALA A 336 -12.29 15.56 -16.04
CA ALA A 336 -11.38 15.37 -17.15
C ALA A 336 -12.07 15.63 -18.47
N LEU A 337 -13.30 15.16 -18.62
CA LEU A 337 -14.04 15.34 -19.87
C LEU A 337 -14.45 16.80 -20.10
N GLN A 338 -14.51 17.61 -19.03
CA GLN A 338 -14.81 19.02 -19.20
C GLN A 338 -13.65 19.80 -19.82
N MET A 339 -12.45 19.21 -19.84
CA MET A 339 -11.27 19.85 -20.40
C MET A 339 -11.10 19.55 -21.89
N THR A 340 -12.07 18.89 -22.51
CA THR A 340 -11.95 18.53 -23.92
C THR A 340 -11.88 19.75 -24.83
N LYS A 341 -12.35 20.91 -24.36
CA LYS A 341 -12.20 22.14 -25.13
C LYS A 341 -10.72 22.50 -25.30
N LEU A 342 -9.88 22.13 -24.34
CA LEU A 342 -8.50 22.55 -24.29
C LEU A 342 -7.58 21.47 -24.85
N ASP A 343 -6.36 21.90 -25.19
CA ASP A 343 -5.34 20.98 -25.71
C ASP A 343 -3.99 21.48 -25.22
N PHE A 344 -3.31 20.66 -24.41
N PHE A 344 -3.33 20.69 -24.36
CA PHE A 344 -2.12 21.08 -23.69
CA PHE A 344 -2.11 21.12 -23.69
C PHE A 344 -0.83 20.60 -24.32
C PHE A 344 -0.82 20.66 -24.37
N ASN A 345 -0.89 19.71 -25.30
CA ASN A 345 0.30 19.08 -25.85
C ASN A 345 0.68 19.67 -27.20
N THR A 346 1.97 19.66 -27.48
CA THR A 346 2.49 19.99 -28.80
C THR A 346 2.31 18.79 -29.73
N ASP A 347 2.45 19.04 -31.03
CA ASP A 347 2.36 17.95 -32.00
C ASP A 347 3.40 16.88 -31.69
N GLU A 348 4.63 17.27 -31.37
CA GLU A 348 5.66 16.30 -31.03
C GLU A 348 5.29 15.52 -29.78
N GLU A 349 4.56 16.14 -28.84
CA GLU A 349 4.13 15.45 -27.65
C GLU A 349 2.99 14.48 -27.94
N LYS A 350 2.10 14.85 -28.85
CA LYS A 350 1.05 13.94 -29.28
C LYS A 350 1.63 12.66 -29.87
N LYS A 351 2.63 12.79 -30.75
CA LYS A 351 3.26 11.62 -31.35
C LYS A 351 3.81 10.70 -30.26
N MET A 352 4.51 11.28 -29.28
CA MET A 352 5.08 10.46 -28.21
C MET A 352 3.99 9.71 -27.45
N VAL A 353 2.90 10.39 -27.12
CA VAL A 353 1.79 9.73 -26.43
C VAL A 353 1.28 8.57 -27.27
N GLU A 354 0.95 8.84 -28.54
CA GLU A 354 0.41 7.81 -29.42
C GLU A 354 1.35 6.61 -29.50
N GLU A 355 2.65 6.88 -29.68
CA GLU A 355 3.61 5.78 -29.80
C GLU A 355 3.69 4.98 -28.50
N VAL A 356 3.84 5.67 -27.36
CA VAL A 356 3.88 4.98 -26.08
C VAL A 356 2.60 4.18 -25.86
N PHE A 357 1.45 4.78 -26.17
CA PHE A 357 0.18 4.13 -25.92
C PHE A 357 0.06 2.84 -26.74
N SER A 358 0.41 2.91 -28.03
CA SER A 358 0.30 1.73 -28.88
C SER A 358 1.28 0.64 -28.44
N ASN A 359 2.52 1.02 -28.14
CA ASN A 359 3.49 0.04 -27.65
C ASN A 359 3.04 -0.62 -26.36
N ALA A 360 2.31 0.10 -25.52
CA ALA A 360 1.88 -0.45 -24.24
C ALA A 360 0.80 -1.51 -24.43
N ILE A 361 -0.27 -1.16 -25.13
CA ILE A 361 -1.37 -2.10 -25.34
C ILE A 361 -1.07 -3.15 -26.40
N ASP A 362 0.10 -3.06 -27.06
CA ASP A 362 0.44 -4.06 -28.07
C ASP A 362 0.49 -5.46 -27.47
N CYS A 363 0.77 -5.57 -26.17
CA CYS A 363 0.75 -6.87 -25.51
C CYS A 363 -0.66 -7.42 -25.37
N LEU A 364 -1.68 -6.58 -25.49
CA LEU A 364 -3.05 -7.04 -25.38
C LEU A 364 -3.47 -7.80 -26.63
N SER A 365 -4.51 -8.59 -26.49
CA SER A 365 -5.15 -9.23 -27.63
C SER A 365 -6.02 -8.22 -28.35
N ASP A 366 -6.15 -8.39 -29.66
CA ASP A 366 -6.95 -7.47 -30.47
C ASP A 366 -8.35 -7.29 -29.91
N GLU A 367 -8.85 -8.26 -29.15
CA GLU A 367 -10.16 -8.12 -28.51
C GLU A 367 -10.10 -7.10 -27.39
N ASP A 368 -9.03 -7.11 -26.58
CA ASP A 368 -8.94 -6.22 -25.43
C ASP A 368 -8.53 -4.80 -25.83
N LYS A 369 -7.75 -4.65 -26.91
CA LYS A 369 -7.39 -3.32 -27.38
C LYS A 369 -8.64 -2.49 -27.68
N LYS A 370 -9.73 -3.13 -28.07
CA LYS A 370 -10.95 -2.42 -28.45
C LYS A 370 -11.85 -2.09 -27.27
N LEU A 371 -11.42 -2.38 -26.05
CA LEU A 371 -12.26 -2.10 -24.89
C LEU A 371 -12.62 -0.61 -24.87
N PRO A 372 -13.85 -0.26 -24.46
CA PRO A 372 -14.25 1.15 -24.47
C PRO A 372 -13.32 2.05 -23.66
N GLN A 373 -12.86 1.60 -22.50
CA GLN A 373 -11.98 2.45 -21.68
C GLN A 373 -10.67 2.73 -22.40
N VAL A 374 -10.11 1.73 -23.08
CA VAL A 374 -8.89 1.95 -23.85
C VAL A 374 -9.12 3.02 -24.91
N GLU A 375 -10.20 2.89 -25.68
CA GLU A 375 -10.48 3.85 -26.74
C GLU A 375 -10.85 5.23 -26.20
N HIS A 376 -11.26 5.31 -24.94
CA HIS A 376 -11.73 6.57 -24.37
C HIS A 376 -10.59 7.43 -23.82
N VAL A 377 -9.50 6.83 -23.35
CA VAL A 377 -8.46 7.61 -22.68
C VAL A 377 -7.53 8.26 -23.70
N LEU A 378 -7.25 7.58 -24.81
CA LEU A 378 -6.23 8.09 -25.73
C LEU A 378 -6.52 9.50 -26.22
N PRO A 379 -7.75 9.84 -26.63
CA PRO A 379 -7.99 11.24 -27.03
C PRO A 379 -7.65 12.23 -25.94
N LEU A 380 -7.91 11.87 -24.67
CA LEU A 380 -7.53 12.76 -23.56
C LEU A 380 -6.01 12.88 -23.47
N LEU A 381 -5.31 11.75 -23.38
CA LEU A 381 -3.87 11.78 -23.20
C LEU A 381 -3.19 12.59 -24.30
N LYS A 382 -3.63 12.42 -25.55
CA LYS A 382 -3.05 13.20 -26.64
C LYS A 382 -3.16 14.70 -26.38
N ARG A 383 -4.22 15.13 -25.71
N ARG A 383 -4.22 15.13 -25.71
CA ARG A 383 -4.38 16.53 -25.33
CA ARG A 383 -4.39 16.52 -25.32
C ARG A 383 -3.74 16.84 -23.98
C ARG A 383 -3.75 16.84 -23.98
N GLY A 384 -2.88 15.97 -23.47
CA GLY A 384 -2.24 16.20 -22.20
C GLY A 384 -3.15 16.10 -21.00
N ILE A 385 -4.32 15.49 -21.15
CA ILE A 385 -5.28 15.30 -20.07
C ILE A 385 -5.25 13.83 -19.65
N GLY A 386 -5.05 13.58 -18.36
CA GLY A 386 -4.94 12.24 -17.84
C GLY A 386 -5.95 11.98 -16.73
N ILE A 387 -6.10 10.70 -16.40
CA ILE A 387 -6.96 10.23 -15.32
C ILE A 387 -6.24 9.09 -14.61
N HIS A 388 -6.43 9.02 -13.29
CA HIS A 388 -5.74 7.99 -12.50
C HIS A 388 -6.61 7.66 -11.30
N HIS A 389 -7.21 6.46 -11.31
CA HIS A 389 -7.98 5.98 -10.17
C HIS A 389 -8.10 4.46 -10.26
N GLY A 390 -8.59 3.87 -9.17
CA GLY A 390 -8.64 2.42 -9.06
C GLY A 390 -9.56 1.75 -10.05
N GLY A 391 -10.54 2.48 -10.58
CA GLY A 391 -11.44 1.94 -11.57
C GLY A 391 -10.83 1.73 -12.94
N LEU A 392 -9.58 2.12 -13.15
CA LEU A 392 -8.94 2.02 -14.47
C LEU A 392 -8.32 0.66 -14.68
N LEU A 393 -8.29 0.23 -15.94
CA LEU A 393 -7.51 -0.94 -16.31
C LEU A 393 -6.06 -0.72 -15.88
N PRO A 394 -5.48 -1.64 -15.11
CA PRO A 394 -4.10 -1.41 -14.65
C PRO A 394 -3.12 -1.05 -15.76
N ILE A 395 -3.27 -1.64 -16.95
CA ILE A 395 -2.33 -1.34 -18.02
C ILE A 395 -2.44 0.12 -18.44
N LEU A 396 -3.64 0.69 -18.37
CA LEU A 396 -3.80 2.10 -18.70
C LEU A 396 -3.28 2.99 -17.58
N LYS A 397 -3.53 2.60 -16.33
CA LYS A 397 -3.03 3.36 -15.20
C LYS A 397 -1.51 3.43 -15.23
N GLU A 398 -0.85 2.32 -15.57
CA GLU A 398 0.61 2.33 -15.67
C GLU A 398 1.07 3.16 -16.86
N THR A 399 0.36 3.09 -17.98
CA THR A 399 0.69 3.95 -19.12
C THR A 399 0.60 5.41 -18.72
N ILE A 400 -0.47 5.78 -18.04
CA ILE A 400 -0.69 7.17 -17.65
C ILE A 400 0.37 7.61 -16.65
N GLU A 401 0.75 6.72 -15.72
CA GLU A 401 1.81 7.05 -14.78
C GLU A 401 3.10 7.39 -15.52
N ILE A 402 3.49 6.53 -16.47
CA ILE A 402 4.74 6.74 -17.18
C ILE A 402 4.67 8.01 -18.02
N LEU A 403 3.52 8.29 -18.61
CA LEU A 403 3.37 9.51 -19.39
C LEU A 403 3.48 10.74 -18.51
N PHE A 404 2.77 10.75 -17.38
CA PHE A 404 2.84 11.89 -16.48
C PHE A 404 4.25 12.06 -15.91
N SER A 405 4.93 10.95 -15.62
CA SER A 405 6.28 11.03 -15.06
C SER A 405 7.26 11.61 -16.07
N GLU A 406 6.93 11.58 -17.36
CA GLU A 406 7.79 12.13 -18.41
C GLU A 406 7.30 13.47 -18.93
N GLY A 407 6.26 14.04 -18.32
CA GLY A 407 5.80 15.37 -18.66
C GLY A 407 4.83 15.45 -19.83
N LEU A 408 4.35 14.33 -20.34
CA LEU A 408 3.42 14.34 -21.46
C LEU A 408 1.97 14.51 -21.03
N ILE A 409 1.71 14.61 -19.73
CA ILE A 409 0.38 14.86 -19.19
C ILE A 409 0.47 16.10 -18.32
N LYS A 410 -0.23 17.16 -18.73
CA LYS A 410 -0.15 18.45 -18.05
C LYS A 410 -1.26 18.66 -17.03
N ALA A 411 -2.31 17.85 -17.06
CA ALA A 411 -3.43 18.00 -16.11
C ALA A 411 -3.94 16.59 -15.80
N LEU A 412 -3.58 16.08 -14.63
CA LEU A 412 -3.93 14.73 -14.21
C LEU A 412 -5.01 14.80 -13.14
N PHE A 413 -6.16 14.19 -13.43
CA PHE A 413 -7.28 14.11 -12.49
C PHE A 413 -7.19 12.76 -11.79
N ALA A 414 -6.81 12.78 -10.51
CA ALA A 414 -6.44 11.58 -9.79
C ALA A 414 -7.14 11.54 -8.44
N THR A 415 -7.31 10.32 -7.94
CA THR A 415 -7.75 10.10 -6.57
C THR A 415 -6.55 10.10 -5.63
N GLU A 416 -6.83 10.03 -4.33
CA GLU A 416 -5.79 10.23 -3.33
C GLU A 416 -4.64 9.24 -3.49
N THR A 417 -4.93 8.05 -4.03
CA THR A 417 -3.90 7.01 -4.10
C THR A 417 -2.70 7.46 -4.94
N PHE A 418 -2.92 8.34 -5.92
CA PHE A 418 -1.83 8.75 -6.80
C PHE A 418 -0.71 9.42 -6.02
N ALA A 419 -1.03 10.01 -4.86
CA ALA A 419 0.00 10.69 -4.07
C ALA A 419 1.09 9.73 -3.61
N MET A 420 0.78 8.43 -3.51
CA MET A 420 1.77 7.44 -3.10
C MET A 420 2.64 6.94 -4.23
N GLY A 421 2.39 7.37 -5.47
CA GLY A 421 3.26 7.02 -6.57
C GLY A 421 4.62 7.66 -6.42
N ILE A 422 5.63 6.98 -6.95
CA ILE A 422 7.02 7.38 -6.74
C ILE A 422 7.47 8.28 -7.89
N ASN A 423 8.17 9.36 -7.53
CA ASN A 423 8.80 10.26 -8.49
C ASN A 423 7.81 10.72 -9.56
N MET A 424 6.68 11.26 -9.09
CA MET A 424 5.66 11.83 -9.98
C MET A 424 5.08 13.10 -9.35
N PRO A 425 5.90 14.13 -9.21
CA PRO A 425 5.39 15.42 -8.73
C PRO A 425 4.94 16.32 -9.88
N ALA A 426 4.31 17.42 -9.50
CA ALA A 426 3.84 18.43 -10.45
C ALA A 426 4.22 19.81 -9.94
N ARG A 427 3.99 20.81 -10.79
CA ARG A 427 4.19 22.19 -10.34
C ARG A 427 3.06 22.62 -9.41
N THR A 428 1.84 22.20 -9.70
CA THR A 428 0.65 22.63 -8.96
C THR A 428 -0.16 21.41 -8.52
N VAL A 429 -0.72 21.49 -7.32
CA VAL A 429 -1.69 20.53 -6.83
C VAL A 429 -2.99 21.28 -6.58
N LEU A 430 -4.09 20.75 -7.12
CA LEU A 430 -5.40 21.35 -6.97
C LEU A 430 -6.31 20.37 -6.24
N PHE A 431 -6.95 20.85 -5.17
CA PHE A 431 -7.97 20.11 -4.45
C PHE A 431 -9.34 20.59 -4.90
N THR A 432 -10.11 19.70 -5.52
CA THR A 432 -11.46 20.07 -5.95
C THR A 432 -12.45 20.14 -4.80
N ASN A 433 -12.12 19.56 -3.65
CA ASN A 433 -13.02 19.57 -2.51
C ASN A 433 -12.19 19.48 -1.23
N ALA A 434 -12.57 20.27 -0.23
CA ALA A 434 -11.90 20.27 1.06
C ALA A 434 -12.46 19.20 2.01
N ARG A 435 -13.50 18.49 1.60
CA ARG A 435 -14.15 17.50 2.45
C ARG A 435 -14.22 16.17 1.71
N LYS A 436 -14.16 15.08 2.48
CA LYS A 436 -14.31 13.73 1.95
C LYS A 436 -15.25 12.95 2.86
N PHE A 437 -15.54 11.72 2.47
CA PHE A 437 -16.42 10.83 3.23
C PHE A 437 -15.65 9.56 3.53
N ASP A 438 -15.28 9.37 4.80
CA ASP A 438 -14.54 8.19 5.25
C ASP A 438 -15.49 7.04 5.59
N GLY A 439 -16.56 6.86 4.84
CA GLY A 439 -17.56 5.88 5.18
C GLY A 439 -18.40 6.22 6.39
N LYS A 440 -18.23 7.42 6.95
CA LYS A 440 -18.96 7.83 8.14
C LYS A 440 -19.67 9.17 7.94
N ASP A 441 -18.91 10.23 7.67
CA ASP A 441 -19.50 11.56 7.61
C ASP A 441 -18.63 12.47 6.75
N PHE A 442 -19.22 13.57 6.29
CA PHE A 442 -18.51 14.62 5.60
C PHE A 442 -17.64 15.37 6.60
N ARG A 443 -16.33 15.11 6.57
CA ARG A 443 -15.37 15.80 7.41
C ARG A 443 -14.34 16.50 6.54
N TRP A 444 -13.81 17.61 7.04
CA TRP A 444 -12.66 18.23 6.39
C TRP A 444 -11.51 17.23 6.37
N ILE A 445 -10.76 17.22 5.26
CA ILE A 445 -9.60 16.36 5.17
C ILE A 445 -8.63 16.73 6.29
N SER A 446 -7.91 15.74 6.79
CA SER A 446 -6.99 15.99 7.89
C SER A 446 -5.73 16.70 7.38
N SER A 447 -5.01 17.32 8.31
CA SER A 447 -3.75 17.96 7.96
C SER A 447 -2.76 16.96 7.37
N GLY A 448 -2.81 15.71 7.82
CA GLY A 448 -1.92 14.69 7.27
C GLY A 448 -2.24 14.36 5.83
N GLU A 449 -3.52 14.26 5.49
CA GLU A 449 -3.91 14.06 4.09
C GLU A 449 -3.51 15.26 3.24
N TYR A 450 -3.75 16.47 3.74
CA TYR A 450 -3.36 17.67 3.01
C TYR A 450 -1.85 17.72 2.80
N ILE A 451 -1.08 17.36 3.83
CA ILE A 451 0.37 17.36 3.70
C ILE A 451 0.81 16.33 2.67
N GLN A 452 0.21 15.13 2.71
CA GLN A 452 0.61 14.07 1.80
C GLN A 452 0.32 14.46 0.35
N MET A 453 -0.88 14.96 0.08
CA MET A 453 -1.26 15.33 -1.29
C MET A 453 -0.60 16.63 -1.72
N SER A 454 -0.67 17.68 -0.89
CA SER A 454 -0.05 18.95 -1.24
C SER A 454 1.45 18.82 -1.41
N GLY A 455 2.06 17.78 -0.85
CA GLY A 455 3.49 17.58 -0.98
C GLY A 455 3.94 17.12 -2.34
N ARG A 456 3.00 16.80 -3.24
CA ARG A 456 3.36 16.45 -4.61
C ARG A 456 3.50 17.68 -5.50
N ALA A 457 3.33 18.88 -4.96
CA ALA A 457 3.62 20.10 -5.70
C ALA A 457 5.08 20.48 -5.50
N GLY A 458 5.70 20.96 -6.57
CA GLY A 458 7.08 21.39 -6.53
C GLY A 458 8.03 20.34 -7.03
N ARG A 459 8.44 20.46 -8.30
CA ARG A 459 9.39 19.53 -8.91
C ARG A 459 10.80 20.09 -8.68
N ARG A 460 11.59 19.37 -7.88
CA ARG A 460 12.94 19.84 -7.57
C ARG A 460 13.74 19.99 -8.86
N GLY A 461 14.36 21.15 -9.02
CA GLY A 461 15.18 21.42 -10.19
C GLY A 461 14.56 22.39 -11.16
N MET A 462 13.32 22.14 -11.58
CA MET A 462 12.65 22.93 -12.60
C MET A 462 11.55 23.82 -12.04
N ASP A 463 11.27 23.74 -10.74
CA ASP A 463 10.31 24.62 -10.09
C ASP A 463 11.00 25.37 -8.96
N ASP A 464 10.90 26.70 -8.99
CA ASP A 464 11.35 27.49 -7.85
C ASP A 464 10.36 27.42 -6.70
N ARG A 465 9.08 27.25 -7.01
CA ARG A 465 8.02 27.20 -6.01
C ARG A 465 7.06 26.07 -6.37
N GLY A 466 6.32 25.63 -5.36
CA GLY A 466 5.20 24.71 -5.56
C GLY A 466 3.90 25.41 -5.20
N ILE A 467 2.91 25.26 -6.07
CA ILE A 467 1.64 25.95 -5.94
C ILE A 467 0.60 24.94 -5.47
N VAL A 468 -0.14 25.30 -4.41
CA VAL A 468 -1.21 24.48 -3.88
C VAL A 468 -2.48 25.33 -3.86
N ILE A 469 -3.57 24.80 -4.39
CA ILE A 469 -4.82 25.52 -4.50
C ILE A 469 -5.92 24.65 -3.91
N LEU A 470 -6.61 25.19 -2.91
CA LEU A 470 -7.68 24.49 -2.20
C LEU A 470 -9.00 25.14 -2.56
N MET A 471 -9.82 24.44 -3.34
CA MET A 471 -11.15 24.93 -3.65
C MET A 471 -12.05 24.80 -2.43
N VAL A 472 -12.76 25.88 -2.09
CA VAL A 472 -13.65 25.92 -0.93
C VAL A 472 -15.01 26.37 -1.42
N ASP A 473 -16.04 25.57 -1.15
CA ASP A 473 -17.39 25.84 -1.62
C ASP A 473 -18.36 26.22 -0.52
N GLU A 474 -17.90 26.28 0.74
CA GLU A 474 -18.78 26.62 1.84
C GLU A 474 -17.99 27.38 2.89
N LYS A 475 -18.68 27.75 3.97
CA LYS A 475 -18.07 28.51 5.05
C LYS A 475 -17.05 27.64 5.79
N MET A 476 -16.03 28.29 6.34
CA MET A 476 -14.99 27.61 7.09
C MET A 476 -14.23 28.65 7.91
N SER A 477 -13.93 28.31 9.16
CA SER A 477 -13.36 29.27 10.09
C SER A 477 -11.85 29.37 9.90
N PRO A 478 -11.25 30.48 10.35
CA PRO A 478 -9.77 30.56 10.33
C PRO A 478 -9.11 29.54 11.22
N THR A 479 -9.75 29.12 12.30
CA THR A 479 -9.16 28.13 13.20
C THR A 479 -8.94 26.82 12.48
N ILE A 480 -10.01 26.21 11.98
CA ILE A 480 -9.87 24.92 11.28
C ILE A 480 -9.13 25.11 9.97
N GLY A 481 -9.22 26.28 9.36
CA GLY A 481 -8.43 26.55 8.17
C GLY A 481 -6.95 26.56 8.45
N LYS A 482 -6.54 27.07 9.62
CA LYS A 482 -5.14 27.03 10.01
C LYS A 482 -4.73 25.61 10.41
N GLN A 483 -5.62 24.90 11.10
CA GLN A 483 -5.36 23.49 11.42
C GLN A 483 -5.15 22.68 10.14
N LEU A 484 -6.01 22.90 9.14
CA LEU A 484 -5.90 22.14 7.89
C LEU A 484 -4.64 22.52 7.13
N LEU A 485 -4.41 23.82 6.92
CA LEU A 485 -3.30 24.27 6.09
C LEU A 485 -1.99 24.36 6.86
N LYS A 486 -2.03 24.41 8.19
CA LYS A 486 -0.82 24.56 8.99
C LYS A 486 -0.66 23.49 10.07
N GLY A 487 -1.67 22.66 10.32
CA GLY A 487 -1.52 21.60 11.30
C GLY A 487 -0.46 20.61 10.92
N SER A 488 -0.01 19.84 11.91
CA SER A 488 1.03 18.85 11.70
C SER A 488 0.43 17.54 11.20
N ALA A 489 1.30 16.67 10.68
CA ALA A 489 0.87 15.39 10.18
C ALA A 489 0.22 14.57 11.30
N ASP A 490 -0.47 13.51 10.90
CA ASP A 490 -1.12 12.65 11.86
C ASP A 490 -0.10 11.66 12.44
N PRO A 491 -0.28 11.24 13.69
CA PRO A 491 0.62 10.24 14.25
C PRO A 491 0.45 8.89 13.58
N LEU A 492 1.50 8.08 13.63
CA LEU A 492 1.47 6.71 13.13
C LEU A 492 0.96 5.84 14.27
N ASN A 493 -0.28 5.40 14.17
CA ASN A 493 -0.94 4.60 15.19
C ASN A 493 -1.05 3.14 14.74
N SER A 494 -0.90 2.24 15.69
CA SER A 494 -0.95 0.81 15.39
C SER A 494 -2.33 0.43 14.84
N ALA A 495 -2.31 -0.39 13.79
CA ALA A 495 -3.51 -1.03 13.28
C ALA A 495 -3.58 -2.50 13.67
N PHE A 496 -2.71 -2.94 14.58
CA PHE A 496 -2.63 -4.35 14.92
C PHE A 496 -3.93 -4.85 15.53
N HIS A 497 -4.32 -6.06 15.14
CA HIS A 497 -5.42 -6.77 15.79
C HIS A 497 -5.21 -8.26 15.54
N LEU A 498 -5.85 -9.07 16.37
CA LEU A 498 -5.68 -10.52 16.27
C LEU A 498 -6.39 -11.07 15.05
N THR A 499 -5.80 -12.10 14.44
CA THR A 499 -6.46 -12.87 13.40
C THR A 499 -6.29 -14.36 13.71
N TYR A 500 -7.22 -15.17 13.23
CA TYR A 500 -7.14 -16.61 13.48
C TYR A 500 -5.88 -17.20 12.85
N ASN A 501 -5.54 -16.78 11.63
CA ASN A 501 -4.31 -17.26 11.01
C ASN A 501 -3.10 -16.96 11.89
N MET A 502 -3.05 -15.74 12.46
CA MET A 502 -1.95 -15.38 13.35
C MET A 502 -1.92 -16.29 14.57
N VAL A 503 -3.05 -16.44 15.25
CA VAL A 503 -3.10 -17.22 16.48
C VAL A 503 -2.70 -18.67 16.22
N LEU A 504 -3.24 -19.25 15.15
CA LEU A 504 -2.98 -20.66 14.86
C LEU A 504 -1.52 -20.89 14.51
N ASN A 505 -0.94 -20.03 13.68
CA ASN A 505 0.46 -20.21 13.30
C ASN A 505 1.38 -20.08 14.50
N LEU A 506 1.03 -19.21 15.45
CA LEU A 506 1.88 -19.05 16.63
C LEU A 506 1.68 -20.19 17.61
N LEU A 507 0.47 -20.72 17.72
CA LEU A 507 0.28 -21.98 18.44
C LEU A 507 1.11 -23.08 17.81
N ARG A 508 1.05 -23.19 16.48
CA ARG A 508 1.78 -24.23 15.76
C ARG A 508 3.27 -24.19 16.06
N VAL A 509 3.89 -23.03 15.88
CA VAL A 509 5.34 -22.93 16.01
C VAL A 509 5.72 -23.11 17.47
N GLU A 510 6.70 -23.96 17.72
CA GLU A 510 7.13 -24.24 19.08
C GLU A 510 8.06 -23.13 19.57
N GLU A 511 8.06 -22.94 20.89
CA GLU A 511 8.85 -21.90 21.55
C GLU A 511 8.33 -20.50 21.22
N ILE A 512 7.03 -20.39 20.96
CA ILE A 512 6.38 -19.11 20.79
C ILE A 512 4.88 -19.34 20.93
N ASN A 513 4.15 -18.30 21.31
CA ASN A 513 2.71 -18.42 21.50
C ASN A 513 2.06 -17.10 21.14
N PRO A 514 0.73 -17.10 20.93
CA PRO A 514 0.06 -15.85 20.55
C PRO A 514 0.27 -14.72 21.54
N GLU A 515 0.41 -15.04 22.83
CA GLU A 515 0.61 -13.98 23.83
C GLU A 515 1.87 -13.17 23.54
N TYR A 516 2.90 -13.81 22.97
CA TYR A 516 4.13 -13.09 22.68
C TYR A 516 3.87 -11.96 21.69
N MET A 517 3.15 -12.24 20.61
CA MET A 517 2.95 -11.20 19.60
C MET A 517 2.05 -10.09 20.12
N LEU A 518 1.09 -10.41 21.00
CA LEU A 518 0.25 -9.37 21.59
C LEU A 518 1.09 -8.37 22.39
N GLU A 519 1.92 -8.88 23.31
CA GLU A 519 2.71 -8.01 24.17
C GLU A 519 3.75 -7.20 23.38
N LYS A 520 4.17 -7.68 22.22
CA LYS A 520 5.19 -7.01 21.43
C LYS A 520 4.62 -6.18 20.28
N SER A 521 3.30 -6.13 20.14
CA SER A 521 2.72 -5.28 19.10
C SER A 521 2.98 -3.82 19.41
N PHE A 522 3.00 -3.00 18.35
CA PHE A 522 3.10 -1.56 18.54
C PHE A 522 1.83 -1.03 19.20
N TYR A 523 0.69 -1.66 18.95
CA TYR A 523 -0.55 -1.31 19.66
C TYR A 523 -0.35 -1.38 21.16
N GLN A 524 0.26 -2.46 21.65
CA GLN A 524 0.51 -2.60 23.08
C GLN A 524 1.56 -1.59 23.55
N PHE A 525 2.57 -1.32 22.72
CA PHE A 525 3.61 -0.38 23.12
C PHE A 525 3.05 1.03 23.24
N GLN A 526 2.16 1.43 22.33
CA GLN A 526 1.54 2.74 22.41
C GLN A 526 0.69 2.88 23.67
N HIS A 527 0.04 1.80 24.12
CA HIS A 527 -0.65 1.84 25.39
C HIS A 527 0.34 2.09 26.54
N TYR A 528 1.43 1.32 26.57
CA TYR A 528 2.43 1.51 27.61
C TYR A 528 2.88 2.97 27.71
N ARG A 529 3.07 3.62 26.56
CA ARG A 529 3.59 4.97 26.54
C ARG A 529 2.51 6.02 26.76
N ALA A 530 1.27 5.75 26.32
CA ALA A 530 0.19 6.71 26.53
C ALA A 530 -0.25 6.75 27.99
N ILE A 531 -0.15 5.62 28.69
CA ILE A 531 -0.55 5.52 30.09
C ILE A 531 0.65 5.06 30.90
N PRO A 532 1.59 5.95 31.24
CA PRO A 532 2.77 5.53 31.99
C PRO A 532 2.39 4.87 33.31
N GLY A 533 3.05 3.74 33.59
CA GLY A 533 2.80 2.98 34.80
C GLY A 533 1.86 1.80 34.61
N SER A 534 1.01 1.83 33.59
CA SER A 534 0.10 0.72 33.36
C SER A 534 0.84 -0.49 32.81
N ARG A 535 0.48 -1.67 33.32
CA ARG A 535 1.04 -2.93 32.86
C ARG A 535 -0.01 -3.83 32.22
N THR A 536 -1.23 -3.34 32.02
CA THR A 536 -2.30 -4.18 31.49
C THR A 536 -2.02 -4.55 30.04
N VAL A 537 -1.97 -5.85 29.76
CA VAL A 537 -1.82 -6.34 28.39
C VAL A 537 -3.21 -6.36 27.76
N LEU A 538 -3.43 -5.50 26.78
CA LEU A 538 -4.71 -5.43 26.10
C LEU A 538 -4.89 -6.66 25.21
N GLN A 539 -6.13 -6.86 24.76
CA GLN A 539 -6.49 -7.89 23.78
C GLN A 539 -6.42 -9.31 24.32
N MET A 540 -6.10 -9.50 25.60
CA MET A 540 -6.05 -10.85 26.15
C MET A 540 -7.43 -11.49 26.17
N ASP A 541 -8.43 -10.77 26.68
CA ASP A 541 -9.80 -11.28 26.68
C ASP A 541 -10.19 -11.76 25.28
N GLU A 542 -9.86 -10.97 24.25
CA GLU A 542 -10.19 -11.37 22.88
C GLU A 542 -9.42 -12.63 22.48
N LEU A 543 -8.16 -12.75 22.90
CA LEU A 543 -7.39 -13.94 22.57
C LEU A 543 -8.05 -15.20 23.14
N LYS A 544 -8.54 -15.13 24.37
CA LYS A 544 -9.16 -16.30 24.98
C LYS A 544 -10.43 -16.69 24.23
N CYS A 545 -11.28 -15.70 23.93
CA CYS A 545 -12.51 -15.97 23.21
C CYS A 545 -12.23 -16.58 21.84
N ARG A 546 -11.20 -16.08 21.16
CA ARG A 546 -10.87 -16.60 19.84
C ARG A 546 -10.35 -18.03 19.91
N LYS A 547 -9.63 -18.37 20.99
CA LYS A 547 -9.16 -19.74 21.14
C LYS A 547 -10.31 -20.68 21.45
N ARG A 548 -11.30 -20.21 22.22
CA ARG A 548 -12.51 -21.01 22.44
C ARG A 548 -13.17 -21.37 21.12
N VAL A 549 -13.26 -20.42 20.20
CA VAL A 549 -13.81 -20.70 18.87
C VAL A 549 -12.99 -21.78 18.19
N LEU A 550 -11.66 -21.68 18.26
CA LEU A 550 -10.80 -22.64 17.58
C LEU A 550 -10.95 -24.03 18.18
N ARG A 551 -11.09 -24.13 19.50
CA ARG A 551 -11.32 -25.42 20.14
C ARG A 551 -12.67 -26.00 19.74
N ARG A 552 -13.73 -25.23 19.95
CA ARG A 552 -15.08 -25.73 19.70
C ARG A 552 -15.28 -26.18 18.26
N LEU A 553 -14.46 -25.70 17.33
CA LEU A 553 -14.58 -26.05 15.92
C LEU A 553 -13.47 -26.98 15.45
N GLY A 554 -12.64 -27.48 16.36
CA GLY A 554 -11.67 -28.50 16.01
C GLY A 554 -10.41 -27.98 15.36
N PHE A 555 -10.10 -26.69 15.48
CA PHE A 555 -8.85 -26.17 14.97
C PHE A 555 -7.69 -26.44 15.93
N ALA A 556 -7.97 -26.53 17.22
CA ALA A 556 -6.93 -26.76 18.22
C ALA A 556 -7.56 -27.49 19.40
N THR A 557 -6.71 -28.16 20.17
CA THR A 557 -7.17 -28.92 21.32
C THR A 557 -7.42 -28.01 22.52
N SER A 558 -8.08 -28.56 23.53
CA SER A 558 -8.30 -27.83 24.77
C SER A 558 -6.98 -27.29 25.34
N SER A 559 -5.87 -27.97 25.07
CA SER A 559 -4.56 -27.55 25.52
C SER A 559 -3.87 -26.62 24.52
N ASP A 560 -4.60 -26.13 23.52
CA ASP A 560 -4.08 -25.18 22.54
C ASP A 560 -2.98 -25.81 21.67
N VAL A 561 -3.08 -27.12 21.42
CA VAL A 561 -2.25 -27.78 20.42
C VAL A 561 -3.02 -27.79 19.10
N ILE A 562 -2.33 -27.50 18.01
CA ILE A 562 -3.00 -27.26 16.73
C ILE A 562 -3.39 -28.60 16.09
N GLU A 563 -4.61 -28.68 15.59
CA GLU A 563 -5.09 -29.81 14.83
C GLU A 563 -4.70 -29.66 13.37
N MET A 564 -4.77 -30.77 12.62
CA MET A 564 -4.52 -30.70 11.19
C MET A 564 -5.47 -29.71 10.52
N LYS A 565 -6.71 -29.62 11.01
CA LYS A 565 -7.64 -28.63 10.50
C LYS A 565 -7.09 -27.22 10.70
N GLY A 566 -6.42 -26.97 11.83
CA GLY A 566 -5.83 -25.67 12.07
C GLY A 566 -4.68 -25.38 11.11
N ARG A 567 -3.88 -26.39 10.80
CA ARG A 567 -2.78 -26.20 9.86
C ARG A 567 -3.30 -25.84 8.48
N VAL A 568 -4.50 -26.28 8.13
CA VAL A 568 -5.12 -25.86 6.89
C VAL A 568 -5.40 -24.36 6.93
N ALA A 569 -5.94 -23.88 8.05
CA ALA A 569 -6.20 -22.45 8.21
C ALA A 569 -4.92 -21.63 8.16
N CYS A 570 -3.82 -22.18 8.67
CA CYS A 570 -2.53 -21.48 8.63
C CYS A 570 -2.12 -21.10 7.22
N GLU A 571 -2.66 -21.76 6.20
CA GLU A 571 -2.31 -21.49 4.82
C GLU A 571 -3.11 -20.34 4.22
N ILE A 572 -4.20 -19.92 4.86
CA ILE A 572 -5.12 -18.94 4.31
C ILE A 572 -4.94 -17.64 5.08
N SER A 573 -4.57 -16.58 4.38
CA SER A 573 -4.32 -15.28 4.99
C SER A 573 -5.15 -14.16 4.38
N SER A 574 -5.37 -14.18 3.06
CA SER A 574 -6.02 -13.08 2.38
C SER A 574 -7.54 -13.05 2.55
N ALA A 575 -8.14 -14.04 3.19
CA ALA A 575 -9.59 -14.10 3.37
C ALA A 575 -9.89 -14.72 4.73
N ASP A 576 -11.18 -14.86 5.02
CA ASP A 576 -11.64 -15.42 6.29
C ASP A 576 -11.18 -16.87 6.38
N GLU A 577 -10.04 -17.10 7.04
CA GLU A 577 -9.46 -18.44 7.10
C GLU A 577 -10.38 -19.40 7.85
N LEU A 578 -11.07 -18.92 8.89
CA LEU A 578 -11.93 -19.79 9.67
C LEU A 578 -13.07 -20.35 8.81
N LEU A 579 -13.82 -19.46 8.16
CA LEU A 579 -14.98 -19.89 7.40
C LEU A 579 -14.58 -20.76 6.21
N LEU A 580 -13.51 -20.37 5.50
CA LEU A 580 -13.13 -21.13 4.31
C LEU A 580 -12.71 -22.55 4.68
N THR A 581 -12.01 -22.72 5.80
N THR A 581 -12.01 -22.72 5.81
CA THR A 581 -11.61 -24.05 6.23
CA THR A 581 -11.60 -24.05 6.22
C THR A 581 -12.82 -24.88 6.63
C THR A 581 -12.81 -24.89 6.64
N GLU A 582 -13.71 -24.30 7.43
CA GLU A 582 -14.94 -24.99 7.79
C GLU A 582 -15.71 -25.43 6.55
N MET A 583 -15.79 -24.55 5.54
CA MET A 583 -16.43 -24.93 4.29
C MET A 583 -15.72 -26.11 3.65
N MET A 584 -14.38 -26.10 3.69
CA MET A 584 -13.63 -27.19 3.09
C MET A 584 -13.88 -28.51 3.82
N PHE A 585 -13.93 -28.47 5.15
CA PHE A 585 -14.11 -29.69 5.94
C PHE A 585 -15.56 -30.15 5.98
N ASN A 586 -16.51 -29.28 5.66
CA ASN A 586 -17.91 -29.69 5.52
C ASN A 586 -18.24 -30.20 4.12
N GLY A 587 -17.31 -30.07 3.18
CA GLY A 587 -17.49 -30.61 1.85
C GLY A 587 -18.14 -29.68 0.84
N LEU A 588 -18.35 -28.41 1.19
CA LEU A 588 -19.04 -27.50 0.29
C LEU A 588 -18.39 -27.45 -1.09
N PHE A 589 -17.07 -27.65 -1.16
CA PHE A 589 -16.37 -27.53 -2.44
C PHE A 589 -16.36 -28.83 -3.24
N ASN A 590 -16.68 -29.96 -2.61
CA ASN A 590 -16.51 -31.25 -3.27
C ASN A 590 -17.49 -31.43 -4.43
N ASP A 591 -18.70 -30.90 -4.31
CA ASP A 591 -19.70 -31.02 -5.36
C ASP A 591 -19.64 -29.89 -6.37
N LEU A 592 -18.75 -28.91 -6.18
CA LEU A 592 -18.66 -27.77 -7.09
C LEU A 592 -17.60 -28.03 -8.14
N SER A 593 -17.87 -27.54 -9.35
CA SER A 593 -16.84 -27.49 -10.38
C SER A 593 -15.85 -26.37 -10.06
N ALA A 594 -14.75 -26.34 -10.82
CA ALA A 594 -13.78 -25.26 -10.66
C ALA A 594 -14.45 -23.91 -10.82
N GLU A 595 -15.30 -23.76 -11.84
CA GLU A 595 -15.95 -22.48 -12.10
C GLU A 595 -16.85 -22.07 -10.94
N GLN A 596 -17.61 -23.02 -10.38
CA GLN A 596 -18.47 -22.70 -9.26
C GLN A 596 -17.66 -22.29 -8.04
N ALA A 597 -16.62 -23.06 -7.73
CA ALA A 597 -15.77 -22.72 -6.58
C ALA A 597 -15.13 -21.35 -6.76
N THR A 598 -14.50 -21.14 -7.92
CA THR A 598 -13.91 -19.84 -8.23
C THR A 598 -14.93 -18.72 -8.06
N ALA A 599 -16.13 -18.89 -8.63
CA ALA A 599 -17.17 -17.87 -8.50
C ALA A 599 -17.56 -17.68 -7.03
N LEU A 600 -17.69 -18.76 -6.27
CA LEU A 600 -18.06 -18.65 -4.87
C LEU A 600 -16.97 -17.94 -4.07
N LEU A 601 -15.70 -18.18 -4.42
CA LEU A 601 -14.61 -17.57 -3.68
C LEU A 601 -14.52 -16.06 -3.91
N SER A 602 -15.08 -15.56 -5.01
CA SER A 602 -15.07 -14.11 -5.24
C SER A 602 -15.79 -13.38 -4.12
N CYS A 603 -16.73 -14.04 -3.44
CA CYS A 603 -17.42 -13.42 -2.32
C CYS A 603 -16.50 -13.13 -1.14
N PHE A 604 -15.29 -13.70 -1.13
CA PHE A 604 -14.37 -13.54 -0.01
C PHE A 604 -13.31 -12.49 -0.28
N VAL A 605 -13.25 -11.92 -1.48
CA VAL A 605 -12.25 -10.92 -1.83
C VAL A 605 -12.86 -9.69 -2.50
N PHE A 606 -14.15 -9.68 -2.78
CA PHE A 606 -14.80 -8.53 -3.38
C PHE A 606 -15.17 -7.52 -2.29
N GLN A 607 -14.78 -6.25 -2.50
CA GLN A 607 -14.92 -5.21 -1.49
C GLN A 607 -15.43 -3.93 -2.14
N GLU A 608 -16.72 -3.92 -2.51
CA GLU A 608 -17.39 -2.72 -2.99
C GLU A 608 -18.75 -2.66 -2.35
N ASN A 609 -19.06 -1.51 -1.73
CA ASN A 609 -20.22 -1.38 -0.86
C ASN A 609 -21.35 -0.58 -1.49
N SER A 610 -21.33 -0.38 -2.80
CA SER A 610 -22.36 0.39 -3.48
C SER A 610 -22.58 -0.18 -4.88
N SER A 611 -23.07 -1.41 -4.94
CA SER A 611 -23.36 -2.08 -6.20
C SER A 611 -24.75 -2.69 -6.14
N GLU A 612 -25.28 -3.01 -7.31
CA GLU A 612 -26.59 -3.64 -7.43
C GLU A 612 -26.43 -5.14 -7.58
N MET A 613 -27.32 -5.88 -6.94
CA MET A 613 -27.23 -7.34 -6.92
C MET A 613 -27.73 -7.91 -8.25
N PRO A 614 -26.96 -8.78 -8.89
CA PRO A 614 -27.45 -9.44 -10.11
C PRO A 614 -28.30 -10.67 -9.77
N LYS A 615 -28.93 -11.21 -10.80
CA LYS A 615 -29.71 -12.44 -10.66
C LYS A 615 -28.80 -13.63 -10.92
N LEU A 616 -28.84 -14.61 -10.01
CA LEU A 616 -27.97 -15.77 -10.08
C LEU A 616 -28.79 -17.01 -10.40
N THR A 617 -28.35 -17.75 -11.40
CA THR A 617 -28.91 -19.08 -11.64
C THR A 617 -28.62 -19.97 -10.44
N GLU A 618 -29.33 -21.10 -10.37
CA GLU A 618 -29.19 -22.00 -9.23
C GLU A 618 -27.76 -22.49 -9.09
N GLN A 619 -27.00 -22.53 -10.20
CA GLN A 619 -25.63 -23.02 -10.12
C GLN A 619 -24.77 -22.15 -9.23
N LEU A 620 -25.14 -20.87 -9.07
CA LEU A 620 -24.42 -19.95 -8.19
C LEU A 620 -25.19 -19.66 -6.91
N ALA A 621 -26.51 -19.45 -6.98
CA ALA A 621 -27.27 -19.16 -5.79
C ALA A 621 -27.27 -20.33 -4.82
N GLY A 622 -27.12 -21.55 -5.33
CA GLY A 622 -27.07 -22.73 -4.49
C GLY A 622 -25.85 -22.72 -3.60
N PRO A 623 -24.66 -22.78 -4.21
CA PRO A 623 -23.43 -22.68 -3.41
C PRO A 623 -23.41 -21.46 -2.50
N LEU A 624 -23.97 -20.34 -2.96
CA LEU A 624 -24.01 -19.15 -2.12
C LEU A 624 -24.82 -19.39 -0.86
N ARG A 625 -25.94 -20.12 -0.97
CA ARG A 625 -26.77 -20.40 0.19
C ARG A 625 -26.05 -21.34 1.16
N GLN A 626 -25.31 -22.32 0.62
CA GLN A 626 -24.54 -23.22 1.49
C GLN A 626 -23.50 -22.44 2.28
N MET A 627 -22.74 -21.57 1.60
CA MET A 627 -21.73 -20.78 2.29
C MET A 627 -22.35 -19.92 3.39
N GLN A 628 -23.52 -19.34 3.12
CA GLN A 628 -24.15 -18.46 4.10
C GLN A 628 -24.62 -19.24 5.32
N GLU A 629 -25.14 -20.44 5.12
CA GLU A 629 -25.51 -21.29 6.25
C GLU A 629 -24.29 -21.57 7.13
N CYS A 630 -23.17 -21.95 6.50
CA CYS A 630 -21.95 -22.17 7.26
C CYS A 630 -21.51 -20.91 7.99
N ALA A 631 -21.59 -19.76 7.31
CA ALA A 631 -21.22 -18.50 7.96
C ALA A 631 -22.09 -18.21 9.17
N LYS A 632 -23.37 -18.59 9.10
CA LYS A 632 -24.26 -18.39 10.23
C LYS A 632 -23.79 -19.18 11.44
N ARG A 633 -23.42 -20.45 11.23
CA ARG A 633 -22.99 -21.30 12.34
C ARG A 633 -21.73 -20.73 12.99
N ILE A 634 -20.76 -20.32 12.18
CA ILE A 634 -19.56 -19.69 12.74
C ILE A 634 -19.93 -18.46 13.56
N ALA A 635 -20.84 -17.63 13.03
CA ALA A 635 -21.31 -16.48 13.78
C ALA A 635 -21.93 -16.91 15.11
N LYS A 636 -22.69 -17.99 15.10
CA LYS A 636 -23.26 -18.51 16.35
C LYS A 636 -22.16 -18.93 17.31
N VAL A 637 -21.24 -19.79 16.86
CA VAL A 637 -20.13 -20.22 17.70
C VAL A 637 -19.37 -19.02 18.24
N SER A 638 -19.12 -18.02 17.39
CA SER A 638 -18.38 -16.84 17.83
C SER A 638 -19.14 -16.11 18.94
N ALA A 639 -20.44 -15.90 18.75
CA ALA A 639 -21.25 -15.25 19.77
C ALA A 639 -21.18 -16.01 21.09
N GLU A 640 -21.39 -17.32 21.04
CA GLU A 640 -21.32 -18.13 22.26
C GLU A 640 -19.94 -18.07 22.89
N ALA A 641 -18.89 -17.90 22.09
CA ALA A 641 -17.55 -17.71 22.63
C ALA A 641 -17.35 -16.31 23.21
N LYS A 642 -18.35 -15.43 23.08
CA LYS A 642 -18.34 -14.10 23.69
C LYS A 642 -17.50 -13.11 22.89
N LEU A 643 -17.41 -13.32 21.57
CA LEU A 643 -16.87 -12.33 20.66
C LEU A 643 -17.99 -11.43 20.17
N GLU A 644 -17.73 -10.13 20.12
CA GLU A 644 -18.71 -9.19 19.57
C GLU A 644 -18.83 -9.42 18.08
N ILE A 645 -20.04 -9.77 17.63
CA ILE A 645 -20.28 -10.02 16.21
C ILE A 645 -21.78 -9.95 15.97
N ASP A 646 -22.15 -9.44 14.80
CA ASP A 646 -23.54 -9.40 14.35
C ASP A 646 -23.70 -10.36 13.19
N GLU A 647 -24.65 -11.28 13.30
CA GLU A 647 -24.82 -12.31 12.29
C GLU A 647 -25.06 -11.70 10.92
N GLU A 648 -26.05 -10.79 10.82
CA GLU A 648 -26.40 -10.21 9.53
C GLU A 648 -25.22 -9.46 8.93
N THR A 649 -24.57 -8.62 9.74
CA THR A 649 -23.38 -7.90 9.27
C THR A 649 -22.33 -8.87 8.75
N TYR A 650 -22.03 -9.91 9.54
CA TYR A 650 -21.01 -10.88 9.14
C TYR A 650 -21.37 -11.55 7.82
N LEU A 651 -22.62 -11.97 7.67
CA LEU A 651 -23.05 -12.59 6.42
C LEU A 651 -23.00 -11.62 5.26
N SER A 652 -23.24 -10.33 5.52
CA SER A 652 -23.27 -9.33 4.45
C SER A 652 -21.89 -9.02 3.90
N SER A 653 -20.83 -9.24 4.69
CA SER A 653 -19.49 -8.91 4.22
C SER A 653 -19.05 -9.76 3.04
N PHE A 654 -19.68 -10.91 2.81
CA PHE A 654 -19.29 -11.80 1.71
C PHE A 654 -20.18 -11.45 0.52
N LYS A 655 -19.71 -10.49 -0.28
CA LYS A 655 -20.54 -9.85 -1.29
C LYS A 655 -20.47 -10.62 -2.60
N PRO A 656 -21.60 -11.15 -3.12
CA PRO A 656 -21.54 -11.99 -4.32
C PRO A 656 -21.85 -11.24 -5.61
N HIS A 657 -21.68 -9.93 -5.62
CA HIS A 657 -22.11 -9.12 -6.76
C HIS A 657 -21.35 -9.46 -8.03
N LEU A 658 -20.20 -10.14 -7.93
CA LEU A 658 -19.42 -10.53 -9.11
C LEU A 658 -19.43 -12.03 -9.35
N MET A 659 -20.22 -12.80 -8.59
CA MET A 659 -20.23 -14.25 -8.77
C MET A 659 -20.48 -14.62 -10.23
N ASP A 660 -21.47 -13.98 -10.85
CA ASP A 660 -21.77 -14.27 -12.25
C ASP A 660 -20.68 -13.73 -13.17
N VAL A 661 -20.21 -12.51 -12.89
CA VAL A 661 -19.09 -11.94 -13.65
C VAL A 661 -17.91 -12.90 -13.62
N VAL A 662 -17.57 -13.40 -12.42
CA VAL A 662 -16.43 -14.32 -12.30
C VAL A 662 -16.75 -15.65 -12.97
N TYR A 663 -17.94 -16.20 -12.72
CA TYR A 663 -18.30 -17.47 -13.32
C TYR A 663 -18.20 -17.40 -14.85
N THR A 664 -18.79 -16.37 -15.45
CA THR A 664 -18.75 -16.27 -16.91
C THR A 664 -17.35 -16.03 -17.42
N TRP A 665 -16.54 -15.28 -16.66
CA TRP A 665 -15.13 -15.12 -17.03
C TRP A 665 -14.42 -16.47 -17.04
N ALA A 666 -14.66 -17.29 -16.02
CA ALA A 666 -14.01 -18.59 -15.94
C ALA A 666 -14.44 -19.51 -17.07
N THR A 667 -15.65 -19.32 -17.60
CA THR A 667 -16.14 -20.13 -18.71
C THR A 667 -15.75 -19.57 -20.08
N GLY A 668 -14.77 -18.67 -20.12
CA GLY A 668 -14.13 -18.29 -21.37
C GLY A 668 -14.61 -17.00 -22.02
N ALA A 669 -15.55 -16.29 -21.39
CA ALA A 669 -16.03 -15.05 -21.97
C ALA A 669 -14.89 -14.03 -22.10
N THR A 670 -15.16 -12.99 -22.88
CA THR A 670 -14.22 -11.88 -23.03
C THR A 670 -14.46 -10.85 -21.93
N PHE A 671 -13.44 -10.04 -21.66
CA PHE A 671 -13.55 -9.02 -20.63
C PHE A 671 -14.63 -8.00 -21.00
N ALA A 672 -14.69 -7.59 -22.26
CA ALA A 672 -15.73 -6.67 -22.70
C ALA A 672 -17.11 -7.22 -22.35
N HIS A 673 -17.29 -8.53 -22.48
CA HIS A 673 -18.59 -9.14 -22.19
C HIS A 673 -18.96 -8.99 -20.73
N ILE A 674 -18.04 -9.35 -19.83
CA ILE A 674 -18.38 -9.38 -18.41
C ILE A 674 -18.55 -7.97 -17.84
N CYS A 675 -17.92 -6.96 -18.46
CA CYS A 675 -18.13 -5.59 -18.00
C CYS A 675 -19.57 -5.14 -18.20
N LYS A 676 -20.24 -5.68 -19.24
CA LYS A 676 -21.64 -5.35 -19.49
C LYS A 676 -22.57 -5.92 -18.43
N MET A 677 -22.10 -6.87 -17.62
CA MET A 677 -22.95 -7.52 -16.63
C MET A 677 -22.99 -6.80 -15.30
N THR A 678 -22.36 -5.65 -15.18
CA THR A 678 -22.24 -5.00 -13.88
C THR A 678 -21.89 -3.53 -14.07
N ASP A 679 -22.24 -2.73 -13.06
CA ASP A 679 -21.84 -1.34 -12.98
C ASP A 679 -20.46 -1.16 -12.33
N VAL A 680 -19.83 -2.25 -11.91
CA VAL A 680 -18.53 -2.16 -11.23
C VAL A 680 -17.47 -1.72 -12.24
N PHE A 681 -16.59 -0.82 -11.80
CA PHE A 681 -15.52 -0.32 -12.66
C PHE A 681 -14.64 -1.46 -13.16
N GLU A 682 -14.16 -1.30 -14.39
CA GLU A 682 -13.28 -2.32 -14.98
C GLU A 682 -12.10 -2.63 -14.05
N GLY A 683 -11.46 -1.58 -13.53
CA GLY A 683 -10.32 -1.79 -12.65
C GLY A 683 -10.68 -2.49 -11.36
N SER A 684 -11.89 -2.26 -10.86
CA SER A 684 -12.34 -2.95 -9.64
C SER A 684 -12.63 -4.42 -9.92
N ILE A 685 -13.10 -4.74 -11.12
CA ILE A 685 -13.27 -6.15 -11.51
C ILE A 685 -11.91 -6.84 -11.53
N ILE A 686 -10.93 -6.20 -12.16
CA ILE A 686 -9.60 -6.80 -12.27
C ILE A 686 -8.96 -6.95 -10.89
N ARG A 687 -9.17 -5.97 -10.02
CA ARG A 687 -8.60 -6.07 -8.68
C ARG A 687 -9.17 -7.26 -7.93
N CYS A 688 -10.48 -7.48 -8.04
CA CYS A 688 -11.09 -8.65 -7.43
C CYS A 688 -10.58 -9.94 -8.05
N MET A 689 -10.44 -9.96 -9.38
CA MET A 689 -9.94 -11.15 -10.05
C MET A 689 -8.52 -11.48 -9.60
N ARG A 690 -7.70 -10.45 -9.36
CA ARG A 690 -6.31 -10.68 -8.97
C ARG A 690 -6.21 -11.15 -7.52
N ARG A 691 -7.03 -10.59 -6.64
CA ARG A 691 -7.12 -11.10 -5.28
C ARG A 691 -7.73 -12.50 -5.25
N LEU A 692 -8.68 -12.78 -6.16
CA LEU A 692 -9.25 -14.12 -6.25
C LEU A 692 -8.17 -15.13 -6.64
N GLU A 693 -7.37 -14.81 -7.65
CA GLU A 693 -6.27 -15.68 -8.03
C GLU A 693 -5.31 -15.90 -6.86
N GLU A 694 -5.07 -14.85 -6.08
CA GLU A 694 -4.20 -14.99 -4.91
C GLU A 694 -4.83 -15.90 -3.87
N LEU A 695 -6.12 -15.73 -3.61
CA LEU A 695 -6.81 -16.61 -2.67
C LEU A 695 -6.79 -18.05 -3.16
N LEU A 696 -7.01 -18.27 -4.45
CA LEU A 696 -7.01 -19.63 -4.99
C LEU A 696 -5.67 -20.31 -4.74
N ARG A 697 -4.56 -19.58 -4.92
CA ARG A 697 -3.26 -20.15 -4.63
C ARG A 697 -3.17 -20.58 -3.17
N GLN A 698 -3.79 -19.81 -2.27
CA GLN A 698 -3.79 -20.19 -0.86
C GLN A 698 -4.68 -21.39 -0.60
N MET A 699 -5.80 -21.51 -1.34
CA MET A 699 -6.67 -22.67 -1.18
C MET A 699 -5.98 -23.93 -1.68
N CYS A 700 -5.20 -23.83 -2.75
CA CYS A 700 -4.38 -24.97 -3.18
C CYS A 700 -3.45 -25.42 -2.08
N GLN A 701 -2.72 -24.47 -1.46
CA GLN A 701 -1.84 -24.82 -0.36
C GLN A 701 -2.62 -25.40 0.81
N ALA A 702 -3.83 -24.86 1.05
CA ALA A 702 -4.68 -25.40 2.12
C ALA A 702 -5.01 -26.85 1.86
N ALA A 703 -5.52 -27.16 0.66
CA ALA A 703 -5.79 -28.56 0.31
C ALA A 703 -4.52 -29.38 0.32
N LYS A 704 -3.41 -28.82 -0.16
CA LYS A 704 -2.14 -29.53 -0.18
C LYS A 704 -1.69 -29.92 1.22
N ALA A 705 -1.99 -29.09 2.22
CA ALA A 705 -1.54 -29.36 3.58
C ALA A 705 -2.07 -30.68 4.12
N ILE A 706 -3.22 -31.14 3.61
CA ILE A 706 -3.79 -32.43 3.98
C ILE A 706 -3.80 -33.40 2.78
N GLY A 707 -2.92 -33.18 1.81
CA GLY A 707 -2.80 -34.06 0.67
C GLY A 707 -4.07 -34.24 -0.13
N ASN A 708 -5.06 -33.35 0.04
CA ASN A 708 -6.31 -33.46 -0.69
C ASN A 708 -6.09 -33.03 -2.13
N THR A 709 -5.48 -33.92 -2.91
CA THR A 709 -5.17 -33.62 -4.30
C THR A 709 -6.41 -33.34 -5.12
N GLU A 710 -7.59 -33.75 -4.66
CA GLU A 710 -8.82 -33.46 -5.37
C GLU A 710 -9.07 -31.95 -5.43
N LEU A 711 -9.16 -31.32 -4.26
CA LEU A 711 -9.43 -29.89 -4.23
C LEU A 711 -8.26 -29.08 -4.76
N GLU A 712 -7.03 -29.53 -4.49
CA GLU A 712 -5.86 -28.85 -5.02
C GLU A 712 -5.97 -28.70 -6.53
N ASN A 713 -6.23 -29.79 -7.24
CA ASN A 713 -6.39 -29.72 -8.69
C ASN A 713 -7.59 -28.89 -9.08
N LYS A 714 -8.66 -28.91 -8.27
CA LYS A 714 -9.84 -28.13 -8.57
C LYS A 714 -9.55 -26.62 -8.46
N PHE A 715 -8.98 -26.20 -7.33
CA PHE A 715 -8.64 -24.79 -7.18
C PHE A 715 -7.63 -24.35 -8.24
N ALA A 716 -6.69 -25.23 -8.57
CA ALA A 716 -5.70 -24.89 -9.59
C ALA A 716 -6.36 -24.69 -10.95
N GLU A 717 -7.41 -25.47 -11.25
CA GLU A 717 -8.11 -25.33 -12.52
C GLU A 717 -8.83 -23.99 -12.59
N GLY A 718 -9.43 -23.56 -11.49
CA GLY A 718 -10.00 -22.23 -11.45
C GLY A 718 -8.98 -21.16 -11.79
N ILE A 719 -7.76 -21.29 -11.25
CA ILE A 719 -6.69 -20.35 -11.57
C ILE A 719 -6.44 -20.34 -13.07
N THR A 720 -6.31 -21.53 -13.68
CA THR A 720 -6.05 -21.61 -15.10
C THR A 720 -7.19 -20.99 -15.92
N LYS A 721 -8.40 -20.98 -15.36
CA LYS A 721 -9.57 -20.49 -16.08
C LYS A 721 -9.80 -19.00 -15.94
N ILE A 722 -9.10 -18.31 -15.04
CA ILE A 722 -9.23 -16.87 -14.91
C ILE A 722 -7.94 -16.12 -15.21
N LYS A 723 -6.79 -16.79 -15.22
CA LYS A 723 -5.50 -16.10 -15.38
C LYS A 723 -5.18 -16.01 -16.87
N ARG A 724 -5.74 -14.98 -17.51
CA ARG A 724 -5.53 -14.78 -18.94
C ARG A 724 -5.90 -13.35 -19.29
N ASP A 725 -5.33 -12.88 -20.40
CA ASP A 725 -5.75 -11.65 -21.06
C ASP A 725 -5.48 -10.39 -20.23
N ILE A 726 -6.19 -9.31 -20.52
CA ILE A 726 -5.88 -8.01 -19.92
C ILE A 726 -5.98 -8.06 -18.40
N VAL A 727 -6.85 -8.91 -17.87
CA VAL A 727 -7.02 -8.98 -16.42
C VAL A 727 -5.70 -9.35 -15.74
N PHE A 728 -4.85 -10.10 -16.44
CA PHE A 728 -3.56 -10.50 -15.89
C PHE A 728 -2.41 -10.11 -16.82
N ALA A 729 -2.58 -9.03 -17.59
CA ALA A 729 -1.49 -8.50 -18.37
C ALA A 729 -0.34 -8.09 -17.45
N ALA A 730 0.88 -8.33 -17.90
CA ALA A 730 2.05 -8.02 -17.09
C ALA A 730 2.17 -6.52 -16.87
N SER A 731 2.78 -6.16 -15.74
CA SER A 731 3.02 -4.75 -15.45
C SER A 731 3.97 -4.15 -16.49
N LEU A 732 3.67 -2.92 -16.90
CA LEU A 732 4.54 -2.23 -17.86
C LEU A 732 5.92 -1.95 -17.29
N TYR A 733 6.08 -2.03 -15.97
CA TYR A 733 7.38 -1.75 -15.34
C TYR A 733 8.32 -2.94 -15.37
N LEU A 734 7.87 -4.10 -15.82
CA LEU A 734 8.73 -5.28 -15.88
C LEU A 734 9.40 -5.37 -17.24
N PRO B 4 14.58 -14.90 21.63
CA PRO B 4 13.12 -14.83 21.84
C PRO B 4 12.34 -15.48 20.70
N ILE B 5 12.63 -15.08 19.47
CA ILE B 5 11.97 -15.67 18.30
C ILE B 5 12.66 -16.99 17.97
N PRO B 6 11.93 -18.10 17.84
CA PRO B 6 12.58 -19.35 17.48
C PRO B 6 13.23 -19.26 16.10
N ASP B 7 14.20 -20.16 15.87
CA ASP B 7 14.92 -20.18 14.61
C ASP B 7 13.96 -20.41 13.45
N MET B 8 14.35 -19.92 12.27
CA MET B 8 13.53 -20.06 11.08
C MET B 8 13.13 -21.53 10.86
N SER B 9 14.02 -22.46 11.18
CA SER B 9 13.72 -23.87 10.96
C SER B 9 12.46 -24.30 11.70
N LYS B 10 12.19 -23.72 12.86
CA LYS B 10 11.02 -24.10 13.63
C LYS B 10 9.74 -23.54 13.02
N PHE B 11 9.82 -22.41 12.32
CA PHE B 11 8.67 -21.90 11.59
C PHE B 11 8.36 -22.77 10.37
N ALA B 12 9.39 -23.40 9.80
CA ALA B 12 9.22 -24.16 8.57
C ALA B 12 8.59 -25.53 8.81
N THR B 13 8.65 -26.06 10.03
CA THR B 13 8.16 -27.41 10.31
C THR B 13 6.65 -27.39 10.52
N GLY B 14 5.95 -28.25 9.78
CA GLY B 14 4.52 -28.40 9.94
C GLY B 14 3.68 -27.49 9.08
N ILE B 15 4.27 -26.85 8.08
CA ILE B 15 3.54 -25.98 7.16
C ILE B 15 4.16 -26.13 5.79
N THR B 16 3.35 -25.94 4.76
CA THR B 16 3.85 -26.06 3.40
C THR B 16 4.88 -24.96 3.13
N PRO B 17 5.95 -25.25 2.39
CA PRO B 17 6.99 -24.24 2.19
C PRO B 17 6.49 -23.06 1.39
N PHE B 18 7.26 -21.97 1.45
CA PHE B 18 7.00 -20.81 0.62
C PHE B 18 7.43 -21.10 -0.81
N GLU B 19 6.55 -20.83 -1.77
CA GLU B 19 6.79 -21.15 -3.17
C GLU B 19 6.95 -19.87 -3.98
N PHE B 20 7.87 -19.91 -4.94
CA PHE B 20 8.06 -18.82 -5.89
C PHE B 20 6.99 -18.95 -6.98
N GLU B 21 5.85 -18.31 -6.76
CA GLU B 21 4.70 -18.44 -7.63
C GLU B 21 4.65 -17.31 -8.65
N ASN B 22 4.00 -17.59 -9.78
CA ASN B 22 3.85 -16.62 -10.88
C ASN B 22 5.20 -16.18 -11.43
N MET B 23 6.11 -17.13 -11.60
CA MET B 23 7.42 -16.83 -12.16
C MET B 23 7.29 -16.09 -13.49
N ALA B 24 8.32 -15.33 -13.87
CA ALA B 24 8.28 -14.56 -15.10
C ALA B 24 9.68 -14.02 -15.38
N GLU B 25 9.82 -13.38 -16.53
CA GLU B 25 11.05 -12.71 -16.91
C GLU B 25 10.71 -11.37 -17.55
N SER B 26 11.71 -10.51 -17.65
CA SER B 26 11.51 -9.17 -18.17
C SER B 26 10.91 -9.22 -19.57
N THR B 27 9.74 -8.59 -19.73
CA THR B 27 9.11 -8.48 -21.04
C THR B 27 9.83 -7.50 -21.95
N GLY B 28 10.75 -6.70 -21.42
CA GLY B 28 11.35 -5.64 -22.19
C GLY B 28 10.42 -4.48 -22.49
N MET B 29 9.23 -4.46 -21.90
CA MET B 29 8.25 -3.43 -22.21
C MET B 29 8.75 -2.05 -21.76
N TYR B 30 9.24 -1.95 -20.53
CA TYR B 30 9.62 -0.64 -20.00
C TYR B 30 10.73 -0.03 -20.83
N LEU B 31 11.85 -0.74 -21.02
CA LEU B 31 12.94 -0.21 -21.82
C LEU B 31 12.51 0.07 -23.26
N ARG B 32 11.48 -0.61 -23.75
CA ARG B 32 10.93 -0.29 -25.06
C ARG B 32 10.16 1.03 -25.03
N ILE B 33 9.33 1.23 -24.01
CA ILE B 33 8.63 2.50 -23.85
C ILE B 33 9.63 3.62 -23.58
N ARG B 34 10.72 3.32 -22.85
CA ARG B 34 11.69 4.35 -22.50
C ARG B 34 12.39 4.89 -23.74
N SER B 35 12.69 4.02 -24.72
CA SER B 35 13.36 4.48 -25.92
C SER B 35 12.51 5.47 -26.71
N LEU B 36 11.19 5.27 -26.70
CA LEU B 36 10.30 6.20 -27.38
C LEU B 36 10.31 7.59 -26.75
N LEU B 37 10.84 7.73 -25.54
CA LEU B 37 10.79 8.98 -24.78
C LEU B 37 12.21 9.48 -24.60
N LYS B 38 12.84 9.88 -25.70
CA LYS B 38 14.18 10.48 -25.67
C LYS B 38 14.11 11.99 -25.48
N ASN B 39 13.18 12.66 -26.15
CA ASN B 39 13.04 14.11 -26.05
C ASN B 39 11.69 14.50 -25.46
N SER B 40 11.41 14.01 -24.25
CA SER B 40 10.20 14.37 -23.54
C SER B 40 10.42 15.64 -22.73
N PRO B 41 9.35 16.30 -22.27
CA PRO B 41 9.52 17.53 -21.48
C PRO B 41 10.44 17.36 -20.28
N ARG B 42 10.50 16.18 -19.69
CA ARG B 42 11.36 15.95 -18.54
C ARG B 42 12.78 15.58 -18.93
N ASN B 43 12.96 14.87 -20.04
CA ASN B 43 14.30 14.53 -20.49
C ASN B 43 15.05 15.73 -21.02
N GLN B 44 14.34 16.72 -21.57
CA GLN B 44 14.98 17.92 -22.06
C GLN B 44 15.36 18.88 -20.93
N GLN B 45 14.58 18.89 -19.85
CA GLN B 45 14.87 19.74 -18.70
C GLN B 45 15.73 19.00 -17.67
#